data_3FID
#
_entry.id   3FID
#
_cell.length_a   106.930
_cell.length_b   127.650
_cell.length_c   60.660
_cell.angle_alpha   90.00
_cell.angle_beta   90.00
_cell.angle_gamma   90.00
#
_symmetry.space_group_name_H-M   'P 21 21 2'
#
loop_
_entity.id
_entity.type
_entity.pdbx_description
1 polymer 'Putative outer membrane protein (LpxR)'
2 non-polymer 'ZINC ION'
3 non-polymer GLYCEROL
4 non-polymer 'PENTAETHYLENE GLYCOL MONODECYL ETHER'
5 water water
#
_entity_poly.entity_id   1
_entity_poly.type   'polypeptide(L)'
_entity_poly.pdbx_seq_one_letter_code
;SSLAISVANDDAGIFQPSLNALYGHPAADRGDYTAGLFLGYSHDLTDASQLSFHIAQDIYSPSGANKRKPEAVKGDRAFS
AFLHTGLEWNSLATNWLRYRLGTDIGVIGPDAGGQEVQNRAHRIIGAEKYPAWQDQIENRYGYTAKGMVSLTPAIDILGV
NVGFYPEVSAVGGNLFQYLGYGATVALGNDKTFNSDNGFGLLSRRGLIHTQKEGLIYKVFAGVERREVDKNYTLQGKTLQ
TKMETVDINKTVDEYRVGATIGYSPVAFSLSLNKVTSEFRTGDDYSYINGDITFFF
;
_entity_poly.pdbx_strand_id   A,B
#
loop_
_chem_comp.id
_chem_comp.type
_chem_comp.name
_chem_comp.formula
CXE non-polymer 'PENTAETHYLENE GLYCOL MONODECYL ETHER' 'C20 H42 O6'
GOL non-polymer GLYCEROL 'C3 H8 O3'
ZN non-polymer 'ZINC ION' 'Zn 2'
#
# COMPACT_ATOMS: atom_id res chain seq x y z
N SER A 1 9.38 6.39 -15.43
CA SER A 1 8.77 6.04 -14.13
C SER A 1 8.27 4.62 -14.14
N SER A 2 8.34 4.00 -12.96
CA SER A 2 7.81 2.65 -12.78
C SER A 2 7.04 2.55 -11.46
N LEU A 3 5.96 1.79 -11.51
CA LEU A 3 5.12 1.43 -10.38
C LEU A 3 5.18 -0.10 -10.29
N ALA A 4 5.56 -0.63 -9.13
CA ALA A 4 5.82 -2.06 -9.02
C ALA A 4 5.15 -2.71 -7.83
N ILE A 5 4.74 -3.96 -8.02
CA ILE A 5 4.25 -4.82 -6.93
C ILE A 5 5.21 -6.01 -6.90
N SER A 6 5.68 -6.37 -5.72
CA SER A 6 6.55 -7.55 -5.64
C SER A 6 6.12 -8.47 -4.50
N VAL A 7 6.05 -9.76 -4.79
CA VAL A 7 5.68 -10.79 -3.82
C VAL A 7 6.88 -11.74 -3.65
N ALA A 8 7.34 -11.94 -2.41
CA ALA A 8 8.40 -12.93 -2.11
C ALA A 8 7.77 -14.09 -1.36
N ASN A 9 8.22 -15.30 -1.67
CA ASN A 9 7.73 -16.49 -1.00
C ASN A 9 8.86 -17.55 -0.96
N ASP A 10 8.98 -18.24 0.17
CA ASP A 10 9.89 -19.38 0.21
C ASP A 10 9.32 -20.57 -0.58
N ASP A 11 7.97 -20.62 -0.70
CA ASP A 11 7.28 -21.57 -1.58
C ASP A 11 7.26 -21.02 -2.99
N ALA A 12 8.02 -21.61 -3.90
CA ALA A 12 8.24 -20.98 -5.20
C ALA A 12 7.26 -21.51 -6.23
N GLY A 13 6.36 -22.41 -5.81
CA GLY A 13 5.31 -22.91 -6.70
C GLY A 13 5.89 -23.56 -7.93
N ILE A 14 5.46 -23.13 -9.13
CA ILE A 14 5.93 -23.79 -10.35
C ILE A 14 7.43 -23.58 -10.61
N PHE A 15 8.00 -22.58 -9.93
CA PHE A 15 9.43 -22.31 -10.00
C PHE A 15 10.28 -23.05 -8.96
N GLN A 16 9.64 -23.88 -8.13
CA GLN A 16 10.37 -24.64 -7.12
C GLN A 16 11.42 -25.61 -7.70
N PRO A 17 11.06 -26.39 -8.75
CA PRO A 17 12.12 -27.24 -9.28
C PRO A 17 13.33 -26.46 -9.79
N SER A 18 13.13 -25.28 -10.39
CA SER A 18 14.27 -24.47 -10.84
C SER A 18 15.08 -23.99 -9.65
N LEU A 19 14.39 -23.45 -8.65
CA LEU A 19 15.07 -22.99 -7.41
C LEU A 19 15.87 -24.11 -6.72
N ASN A 20 15.27 -25.29 -6.62
CA ASN A 20 15.92 -26.49 -6.03
C ASN A 20 17.11 -26.96 -6.84
N ALA A 21 16.99 -26.92 -8.17
CA ALA A 21 18.12 -27.32 -9.02
C ALA A 21 19.27 -26.33 -8.84
N LEU A 22 18.92 -25.05 -8.69
CA LEU A 22 19.93 -24.02 -8.59
C LEU A 22 20.68 -24.02 -7.25
N TYR A 23 19.96 -24.16 -6.13
CA TYR A 23 20.55 -23.96 -4.81
C TYR A 23 20.54 -25.20 -3.93
N GLY A 24 19.96 -26.30 -4.43
CA GLY A 24 19.92 -27.54 -3.66
C GLY A 24 18.67 -27.65 -2.81
N HIS A 25 18.29 -28.88 -2.49
CA HIS A 25 17.00 -29.04 -1.82
C HIS A 25 16.99 -28.66 -0.33
N PRO A 26 18.11 -28.87 0.40
CA PRO A 26 18.11 -28.44 1.82
C PRO A 26 17.77 -26.97 2.07
N ALA A 27 18.17 -26.11 1.14
CA ALA A 27 17.84 -24.67 1.25
C ALA A 27 16.33 -24.38 1.17
N ALA A 28 15.62 -25.25 0.45
CA ALA A 28 14.17 -25.15 0.29
C ALA A 28 13.43 -25.74 1.49
N ASP A 29 14.13 -26.54 2.30
CA ASP A 29 13.57 -27.14 3.48
C ASP A 29 13.52 -26.12 4.61
N ARG A 30 14.30 -25.06 4.52
CA ARG A 30 14.26 -23.99 5.52
C ARG A 30 13.11 -23.03 5.24
N GLY A 31 12.81 -22.18 6.21
CA GLY A 31 11.72 -21.27 6.02
C GLY A 31 11.97 -19.88 6.55
N ASP A 32 13.24 -19.49 6.70
CA ASP A 32 13.62 -18.25 7.38
C ASP A 32 12.84 -16.99 6.92
N TYR A 33 12.77 -16.78 5.61
CA TYR A 33 12.06 -15.63 5.05
C TYR A 33 10.82 -16.19 4.40
N THR A 34 9.69 -16.00 5.07
CA THR A 34 8.47 -16.72 4.67
C THR A 34 7.56 -15.95 3.67
N ALA A 35 7.49 -14.63 3.78
CA ALA A 35 6.68 -13.86 2.86
C ALA A 35 7.19 -12.44 2.75
N GLY A 36 7.03 -11.86 1.55
CA GLY A 36 7.26 -10.44 1.38
C GLY A 36 6.17 -9.83 0.50
N LEU A 37 5.77 -8.61 0.85
CA LEU A 37 4.91 -7.78 -0.02
C LEU A 37 5.55 -6.40 -0.11
N PHE A 38 5.58 -5.84 -1.31
CA PHE A 38 6.25 -4.57 -1.56
C PHE A 38 5.47 -3.84 -2.67
N LEU A 39 5.21 -2.56 -2.46
CA LEU A 39 4.59 -1.69 -3.47
C LEU A 39 5.48 -0.47 -3.55
N GLY A 40 5.89 -0.11 -4.75
CA GLY A 40 6.83 0.99 -4.89
C GLY A 40 6.56 1.84 -6.13
N TYR A 41 7.03 3.08 -6.08
CA TYR A 41 6.92 4.01 -7.21
C TYR A 41 8.25 4.70 -7.39
N SER A 42 8.73 4.75 -8.65
CA SER A 42 9.95 5.42 -9.02
C SER A 42 9.63 6.52 -10.02
N HIS A 43 10.12 7.72 -9.75
CA HIS A 43 9.91 8.82 -10.69
C HIS A 43 11.26 9.28 -11.24
N ASP A 44 11.38 9.41 -12.57
CA ASP A 44 12.60 9.94 -13.17
C ASP A 44 12.61 11.45 -13.08
N LEU A 45 13.52 12.00 -12.30
CA LEU A 45 13.73 13.45 -12.26
C LEU A 45 14.49 13.92 -13.50
N THR A 46 15.42 13.09 -13.98
CA THR A 46 16.11 13.27 -15.24
C THR A 46 16.23 11.88 -15.86
N ASP A 47 16.83 11.80 -17.04
CA ASP A 47 17.11 10.49 -17.64
C ASP A 47 18.09 9.71 -16.78
N ALA A 48 18.90 10.41 -15.98
CA ALA A 48 19.93 9.76 -15.17
C ALA A 48 19.52 9.38 -13.73
N SER A 49 18.44 9.99 -13.23
CA SER A 49 18.15 10.01 -11.79
C SER A 49 16.69 9.74 -11.43
N GLN A 50 16.50 8.87 -10.44
CA GLN A 50 15.16 8.56 -9.92
C GLN A 50 15.04 8.84 -8.45
N LEU A 51 13.82 9.18 -8.05
CA LEU A 51 13.40 9.19 -6.68
C LEU A 51 12.31 8.15 -6.50
N SER A 52 12.48 7.25 -5.52
CA SER A 52 11.54 6.16 -5.29
C SER A 52 10.89 6.21 -3.92
N PHE A 53 9.64 5.76 -3.84
CA PHE A 53 8.91 5.64 -2.59
C PHE A 53 8.41 4.19 -2.52
N HIS A 54 8.34 3.62 -1.32
CA HIS A 54 7.80 2.28 -1.18
C HIS A 54 7.22 2.06 0.21
N ILE A 55 6.34 1.06 0.29
CA ILE A 55 5.88 0.50 1.57
C ILE A 55 6.05 -1.02 1.41
N ALA A 56 6.41 -1.70 2.50
CA ALA A 56 6.64 -3.13 2.42
C ALA A 56 6.46 -3.82 3.77
N GLN A 57 6.16 -5.12 3.71
CA GLN A 57 6.11 -5.97 4.91
C GLN A 57 6.84 -7.28 4.61
N ASP A 58 7.81 -7.61 5.45
CA ASP A 58 8.51 -8.87 5.34
C ASP A 58 8.36 -9.66 6.62
N ILE A 59 8.14 -10.98 6.47
CA ILE A 59 7.79 -11.88 7.57
C ILE A 59 8.85 -12.99 7.61
N TYR A 60 9.34 -13.25 8.83
CA TYR A 60 10.44 -14.18 9.10
C TYR A 60 9.94 -15.23 10.08
N SER A 61 10.48 -16.45 9.95
CA SER A 61 9.84 -17.65 10.53
C SER A 61 10.91 -18.65 11.01
N PRO A 62 10.59 -19.44 12.10
CA PRO A 62 11.39 -20.64 12.39
C PRO A 62 11.23 -21.65 11.23
N SER A 63 12.05 -22.68 11.22
CA SER A 63 12.06 -23.62 10.09
C SER A 63 11.55 -24.99 10.52
N GLY A 64 11.03 -25.74 9.55
CA GLY A 64 10.60 -27.11 9.77
C GLY A 64 9.58 -27.33 10.89
N ALA A 65 9.90 -28.25 11.78
CA ALA A 65 8.98 -28.63 12.84
C ALA A 65 8.85 -27.52 13.89
N ASN A 66 9.85 -26.63 13.99
CA ASN A 66 9.77 -25.51 14.93
C ASN A 66 8.58 -24.58 14.65
N LYS A 67 8.08 -24.58 13.41
CA LYS A 67 6.97 -23.70 13.00
C LYS A 67 5.68 -23.96 13.78
N ARG A 68 5.52 -25.21 14.23
CA ARG A 68 4.30 -25.64 14.92
C ARG A 68 4.38 -25.65 16.45
N LYS A 69 5.53 -25.27 17.00
CA LYS A 69 5.70 -25.26 18.47
C LYS A 69 5.02 -24.04 19.12
N PRO A 70 4.63 -24.15 20.41
CA PRO A 70 3.86 -23.08 21.04
C PRO A 70 4.65 -21.80 21.23
N GLU A 71 5.97 -21.91 21.40
CA GLU A 71 6.84 -20.73 21.61
C GLU A 71 8.09 -20.81 20.74
N ALA A 72 8.88 -19.74 20.75
CA ALA A 72 10.15 -19.73 20.04
C ALA A 72 11.01 -20.88 20.57
N VAL A 73 11.92 -21.36 19.72
CA VAL A 73 12.83 -22.46 20.05
C VAL A 73 14.25 -21.90 20.10
N LYS A 74 14.94 -22.09 21.21
CA LYS A 74 16.35 -21.69 21.29
C LYS A 74 17.10 -22.41 20.17
N GLY A 75 17.94 -21.69 19.44
CA GLY A 75 18.60 -22.32 18.28
C GLY A 75 17.97 -22.07 16.92
N ASP A 76 16.78 -21.46 16.90
CA ASP A 76 16.13 -21.11 15.61
C ASP A 76 15.58 -19.70 15.75
N ARG A 77 15.38 -19.03 14.61
CA ARG A 77 14.81 -17.69 14.71
C ARG A 77 13.38 -17.75 15.22
N ALA A 78 13.01 -16.74 16.00
CA ALA A 78 11.64 -16.53 16.41
C ALA A 78 10.83 -16.02 15.21
N PHE A 79 9.50 -16.15 15.26
CA PHE A 79 8.63 -15.40 14.35
C PHE A 79 8.91 -13.88 14.51
N SER A 80 8.97 -13.16 13.39
CA SER A 80 9.06 -11.69 13.41
C SER A 80 8.54 -11.08 12.11
N ALA A 81 8.29 -9.80 12.12
CA ALA A 81 8.01 -9.08 10.86
C ALA A 81 8.59 -7.68 10.88
N PHE A 82 8.89 -7.19 9.69
CA PHE A 82 9.50 -5.88 9.48
C PHE A 82 8.55 -5.13 8.54
N LEU A 83 7.96 -4.04 9.03
CA LEU A 83 7.05 -3.20 8.23
C LEU A 83 7.75 -1.87 7.98
N HIS A 84 7.86 -1.44 6.73
CA HIS A 84 8.75 -0.31 6.45
C HIS A 84 8.29 0.55 5.29
N THR A 85 8.70 1.81 5.31
CA THR A 85 8.40 2.69 4.20
C THR A 85 9.62 3.56 4.03
N GLY A 86 9.88 4.03 2.83
CA GLY A 86 10.98 4.95 2.72
C GLY A 86 11.08 5.63 1.38
N LEU A 87 12.18 6.37 1.21
CA LEU A 87 12.48 7.11 0.01
C LEU A 87 13.91 6.78 -0.39
N GLU A 88 14.19 6.81 -1.69
CA GLU A 88 15.53 6.54 -2.17
C GLU A 88 15.88 7.33 -3.43
N TRP A 89 17.12 7.83 -3.49
CA TRP A 89 17.69 8.46 -4.68
C TRP A 89 18.49 7.39 -5.44
N ASN A 90 18.26 7.24 -6.73
CA ASN A 90 18.98 6.24 -7.58
C ASN A 90 19.52 6.97 -8.79
N SER A 91 20.84 7.02 -8.98
CA SER A 91 21.40 7.92 -9.99
C SER A 91 22.64 7.38 -10.71
N LEU A 92 22.67 7.58 -12.02
CA LEU A 92 23.92 7.42 -12.77
C LEU A 92 24.73 8.70 -12.59
N ALA A 93 25.77 8.66 -11.78
CA ALA A 93 26.66 9.81 -11.58
C ALA A 93 27.41 10.09 -12.88
N THR A 94 27.81 9.02 -13.55
CA THR A 94 28.46 9.07 -14.85
C THR A 94 28.10 7.79 -15.65
N ASN A 95 28.68 7.59 -16.85
CA ASN A 95 28.52 6.35 -17.63
C ASN A 95 29.19 5.12 -16.99
N TRP A 96 29.99 5.36 -15.97
CA TRP A 96 30.76 4.30 -15.32
C TRP A 96 30.45 4.13 -13.82
N LEU A 97 29.50 4.91 -13.29
CA LEU A 97 29.14 4.85 -11.86
C LEU A 97 27.64 4.98 -11.65
N ARG A 98 27.05 4.06 -10.89
CA ARG A 98 25.71 4.23 -10.34
C ARG A 98 25.79 4.33 -8.81
N TYR A 99 25.02 5.25 -8.21
CA TYR A 99 24.87 5.24 -6.74
C TYR A 99 23.42 5.38 -6.28
N ARG A 100 23.17 4.94 -5.06
CA ARG A 100 21.85 4.99 -4.44
C ARG A 100 21.99 5.40 -3.00
N LEU A 101 21.02 6.18 -2.52
CA LEU A 101 21.04 6.66 -1.14
C LEU A 101 19.60 6.64 -0.67
N GLY A 102 19.33 5.99 0.45
CA GLY A 102 17.94 5.86 0.90
C GLY A 102 17.79 5.87 2.41
N THR A 103 16.58 6.19 2.86
CA THR A 103 16.23 6.11 4.28
C THR A 103 14.86 5.50 4.44
N ASP A 104 14.75 4.49 5.32
CA ASP A 104 13.46 3.89 5.74
C ASP A 104 13.13 4.29 7.16
N ILE A 105 11.84 4.37 7.45
CA ILE A 105 11.39 4.25 8.83
C ILE A 105 10.59 2.97 8.93
N GLY A 106 10.69 2.30 10.06
CA GLY A 106 9.89 1.14 10.24
C GLY A 106 9.90 0.57 11.65
N VAL A 107 9.34 -0.63 11.73
CA VAL A 107 9.22 -1.36 13.00
C VAL A 107 9.43 -2.86 12.78
N ILE A 108 10.14 -3.49 13.70
CA ILE A 108 10.16 -4.95 13.82
C ILE A 108 9.51 -5.26 15.17
N GLY A 109 8.51 -6.13 15.18
CA GLY A 109 7.78 -6.44 16.41
C GLY A 109 6.34 -6.72 16.08
N PRO A 110 5.50 -6.98 17.11
CA PRO A 110 4.07 -7.19 16.85
C PRO A 110 3.39 -6.06 16.00
N ASP A 111 3.82 -4.83 16.18
CA ASP A 111 3.29 -3.68 15.43
C ASP A 111 3.50 -3.77 13.90
N ALA A 112 4.45 -4.61 13.48
CA ALA A 112 4.68 -4.82 12.05
C ALA A 112 3.59 -5.64 11.38
N GLY A 113 2.78 -6.34 12.18
CA GLY A 113 1.55 -7.02 11.70
C GLY A 113 1.73 -8.38 11.07
N GLY A 114 2.87 -9.03 11.35
CA GLY A 114 3.15 -10.38 10.80
C GLY A 114 2.17 -11.47 11.20
N GLN A 115 1.84 -11.55 12.51
CA GLN A 115 0.82 -12.55 12.95
C GLN A 115 -0.51 -12.34 12.25
N GLU A 116 -0.94 -11.08 12.14
CA GLU A 116 -2.23 -10.75 11.53
C GLU A 116 -2.27 -11.18 10.07
N VAL A 117 -1.24 -10.79 9.29
CA VAL A 117 -1.17 -11.12 7.86
C VAL A 117 -1.07 -12.61 7.59
N GLN A 118 -0.17 -13.29 8.32
CA GLN A 118 0.00 -14.74 8.11
C GLN A 118 -1.19 -15.54 8.58
N ASN A 119 -1.74 -15.22 9.76
CA ASN A 119 -2.96 -15.88 10.23
C ASN A 119 -4.10 -15.73 9.21
N ARG A 120 -4.26 -14.53 8.66
CA ARG A 120 -5.28 -14.26 7.65
C ARG A 120 -5.09 -15.19 6.46
N ALA A 121 -3.85 -15.27 5.96
CA ALA A 121 -3.51 -16.01 4.74
C ALA A 121 -3.85 -17.49 4.92
N HIS A 122 -3.44 -18.01 6.07
CA HIS A 122 -3.66 -19.38 6.48
C HIS A 122 -5.15 -19.68 6.63
N ARG A 123 -5.90 -18.80 7.29
CA ARG A 123 -7.34 -19.00 7.43
C ARG A 123 -8.03 -19.07 6.06
N ILE A 124 -7.63 -18.16 5.17
CA ILE A 124 -8.20 -18.11 3.81
C ILE A 124 -7.95 -19.42 3.05
N ILE A 125 -6.74 -20.00 3.17
CA ILE A 125 -6.45 -21.25 2.45
C ILE A 125 -6.79 -22.51 3.25
N GLY A 126 -7.27 -22.34 4.47
CA GLY A 126 -7.60 -23.46 5.34
C GLY A 126 -6.39 -24.16 5.97
N ALA A 127 -5.25 -23.46 6.03
CA ALA A 127 -4.11 -23.94 6.82
C ALA A 127 -4.31 -23.58 8.30
N GLU A 128 -3.64 -24.31 9.20
CA GLU A 128 -3.71 -23.94 10.62
C GLU A 128 -2.72 -22.80 10.90
N LYS A 129 -3.05 -21.98 11.88
CA LYS A 129 -2.17 -20.90 12.25
C LYS A 129 -1.02 -21.42 13.13
N TYR A 130 0.07 -20.67 13.17
CA TYR A 130 1.25 -21.04 13.93
C TYR A 130 1.21 -20.30 15.26
N PRO A 131 1.06 -21.05 16.38
CA PRO A 131 0.87 -20.41 17.69
C PRO A 131 2.06 -19.60 18.21
N ALA A 132 3.29 -19.88 17.74
CA ALA A 132 4.49 -19.18 18.27
C ALA A 132 4.58 -17.72 17.88
N TRP A 133 3.60 -17.23 17.12
CA TRP A 133 3.46 -15.80 16.93
C TRP A 133 3.24 -15.07 18.27
N GLN A 134 2.72 -15.76 19.28
CA GLN A 134 2.56 -15.19 20.63
C GLN A 134 3.91 -14.88 21.25
N ASP A 135 4.94 -15.61 20.82
CA ASP A 135 6.31 -15.42 21.33
C ASP A 135 7.22 -14.74 20.29
N GLN A 136 6.62 -13.93 19.40
CA GLN A 136 7.39 -13.20 18.38
C GLN A 136 8.38 -12.19 18.96
N ILE A 137 9.32 -11.71 18.15
CA ILE A 137 10.22 -10.62 18.55
C ILE A 137 9.44 -9.36 18.93
N GLU A 138 9.81 -8.75 20.06
CA GLU A 138 9.12 -7.57 20.58
C GLU A 138 9.46 -6.28 19.80
N ASN A 139 8.61 -5.26 19.94
CA ASN A 139 8.71 -4.02 19.16
C ASN A 139 10.03 -3.29 19.32
N ARG A 140 10.60 -2.87 18.19
CA ARG A 140 11.59 -1.83 18.15
C ARG A 140 11.34 -1.04 16.89
N TYR A 141 11.12 0.26 17.08
CA TYR A 141 10.87 1.20 15.99
C TYR A 141 12.21 1.74 15.62
N GLY A 142 12.41 2.04 14.34
CA GLY A 142 13.71 2.55 13.95
C GLY A 142 13.78 3.04 12.53
N TYR A 143 15.00 3.22 12.07
CA TYR A 143 15.26 3.73 10.75
C TYR A 143 16.38 2.86 10.14
N THR A 144 16.41 2.81 8.81
CA THR A 144 17.58 2.29 8.12
C THR A 144 18.12 3.42 7.24
N ALA A 145 19.45 3.54 7.18
CA ALA A 145 20.13 4.45 6.24
C ALA A 145 20.87 3.53 5.29
N LYS A 146 20.66 3.73 3.99
CA LYS A 146 21.12 2.77 2.98
C LYS A 146 21.94 3.46 1.91
N GLY A 147 22.97 2.79 1.43
CA GLY A 147 23.73 3.37 0.32
C GLY A 147 24.33 2.27 -0.52
N MET A 148 24.48 2.55 -1.82
CA MET A 148 25.14 1.62 -2.73
C MET A 148 25.96 2.40 -3.75
N VAL A 149 27.16 1.90 -4.05
CA VAL A 149 27.87 2.36 -5.25
C VAL A 149 28.32 1.18 -6.10
N SER A 150 28.17 1.34 -7.41
CA SER A 150 28.49 0.28 -8.36
C SER A 150 29.26 0.90 -9.51
N LEU A 151 30.32 0.23 -9.94
CA LEU A 151 30.94 0.53 -11.23
C LEU A 151 30.13 -0.20 -12.29
N THR A 152 30.12 0.36 -13.49
CA THR A 152 29.21 -0.12 -14.53
C THR A 152 29.85 -0.37 -15.93
N PRO A 153 31.02 -1.05 -15.98
CA PRO A 153 31.54 -1.34 -17.31
C PRO A 153 30.62 -2.33 -18.05
N ALA A 154 30.32 -2.00 -19.29
CA ALA A 154 29.43 -2.81 -20.11
C ALA A 154 29.82 -2.52 -21.54
N ILE A 155 29.51 -3.45 -22.42
CA ILE A 155 29.78 -3.24 -23.83
C ILE A 155 28.54 -3.65 -24.62
N ASP A 156 28.35 -3.04 -25.78
CA ASP A 156 27.20 -3.33 -26.62
C ASP A 156 27.64 -4.20 -27.76
N ILE A 157 26.93 -5.29 -27.97
CA ILE A 157 27.24 -6.28 -28.99
C ILE A 157 25.97 -6.55 -29.76
N LEU A 158 25.83 -5.87 -30.91
CA LEU A 158 24.72 -6.09 -31.84
C LEU A 158 23.34 -5.88 -31.16
N GLY A 159 23.22 -4.78 -30.42
CA GLY A 159 21.99 -4.44 -29.68
C GLY A 159 21.80 -5.18 -28.34
N VAL A 160 22.73 -6.06 -27.97
CA VAL A 160 22.70 -6.70 -26.63
C VAL A 160 23.81 -6.05 -25.80
N ASN A 161 23.42 -5.46 -24.66
CA ASN A 161 24.35 -4.88 -23.72
C ASN A 161 24.74 -5.95 -22.67
N VAL A 162 26.04 -6.11 -22.40
CA VAL A 162 26.52 -7.09 -21.42
C VAL A 162 27.44 -6.37 -20.46
N GLY A 163 27.25 -6.57 -19.14
CA GLY A 163 27.97 -5.77 -18.16
C GLY A 163 28.40 -6.53 -16.92
N PHE A 164 29.34 -5.94 -16.19
CA PHE A 164 29.90 -6.50 -14.95
C PHE A 164 29.77 -5.39 -13.93
N TYR A 165 29.15 -5.66 -12.78
CA TYR A 165 28.81 -4.55 -11.90
C TYR A 165 29.30 -4.82 -10.48
N PRO A 166 30.60 -4.54 -10.22
CA PRO A 166 31.07 -4.66 -8.85
C PRO A 166 30.54 -3.50 -8.03
N GLU A 167 30.21 -3.78 -6.78
CA GLU A 167 29.45 -2.85 -5.94
C GLU A 167 29.82 -3.00 -4.46
N VAL A 168 29.67 -1.89 -3.74
CA VAL A 168 29.71 -1.84 -2.27
C VAL A 168 28.40 -1.27 -1.74
N SER A 169 27.86 -1.88 -0.69
CA SER A 169 26.63 -1.42 -0.08
C SER A 169 26.80 -1.24 1.40
N ALA A 170 25.97 -0.39 1.98
CA ALA A 170 26.04 -0.13 3.41
C ALA A 170 24.65 0.17 3.96
N VAL A 171 24.34 -0.44 5.10
CA VAL A 171 23.10 -0.17 5.82
C VAL A 171 23.46 0.12 7.27
N GLY A 172 22.82 1.13 7.86
CA GLY A 172 23.01 1.40 9.29
C GLY A 172 21.69 1.77 9.96
N GLY A 173 21.76 1.89 11.28
CA GLY A 173 20.58 2.17 12.10
C GLY A 173 20.43 1.15 13.22
N ASN A 174 19.25 1.13 13.84
CA ASN A 174 19.02 0.34 15.05
C ASN A 174 18.25 -0.95 14.78
N LEU A 175 18.01 -1.24 13.51
CA LEU A 175 17.35 -2.48 13.13
C LEU A 175 18.31 -3.41 12.37
N PHE A 176 18.94 -2.90 11.30
CA PHE A 176 19.96 -3.63 10.54
C PHE A 176 21.18 -2.76 10.27
N GLN A 177 22.34 -3.39 10.32
CA GLN A 177 23.58 -2.70 10.08
C GLN A 177 24.56 -3.69 9.48
N TYR A 178 25.04 -3.37 8.29
CA TYR A 178 26.02 -4.20 7.58
C TYR A 178 26.77 -3.44 6.51
N LEU A 179 27.88 -4.03 6.07
CA LEU A 179 28.67 -3.53 4.95
C LEU A 179 28.78 -4.69 3.97
N GLY A 180 28.37 -4.47 2.72
CA GLY A 180 28.38 -5.53 1.73
C GLY A 180 29.24 -5.20 0.50
N TYR A 181 29.74 -6.24 -0.17
CA TYR A 181 30.49 -6.09 -1.41
C TYR A 181 30.18 -7.29 -2.28
N GLY A 182 30.06 -7.04 -3.57
CA GLY A 182 29.58 -8.06 -4.46
C GLY A 182 29.68 -7.66 -5.89
N ALA A 183 29.11 -8.46 -6.75
CA ALA A 183 29.06 -8.09 -8.16
C ALA A 183 27.89 -8.80 -8.81
N THR A 184 27.37 -8.20 -9.89
CA THR A 184 26.32 -8.80 -10.69
C THR A 184 26.87 -8.80 -12.12
N VAL A 185 26.54 -9.83 -12.89
CA VAL A 185 26.70 -9.77 -14.36
C VAL A 185 25.32 -9.79 -14.98
N ALA A 186 25.15 -9.05 -16.07
CA ALA A 186 23.85 -8.97 -16.72
C ALA A 186 24.00 -8.86 -18.21
N LEU A 187 23.01 -9.38 -18.91
CA LEU A 187 22.84 -9.09 -20.33
C LEU A 187 21.41 -8.67 -20.58
N GLY A 188 21.21 -7.81 -21.58
CA GLY A 188 19.88 -7.22 -21.81
C GLY A 188 19.93 -6.21 -22.93
N ASN A 189 18.78 -5.67 -23.30
CA ASN A 189 18.74 -4.65 -24.38
C ASN A 189 18.77 -3.21 -23.89
N ASP A 190 19.00 -3.00 -22.60
CA ASP A 190 19.10 -1.64 -22.11
C ASP A 190 20.26 -1.44 -21.14
N LYS A 191 21.18 -0.55 -21.50
CA LYS A 191 22.36 -0.24 -20.67
C LYS A 191 22.01 0.23 -19.24
N THR A 192 21.01 1.12 -19.11
CA THR A 192 20.66 1.72 -17.81
C THR A 192 20.06 0.63 -16.89
N PHE A 193 19.09 -0.12 -17.44
CA PHE A 193 18.41 -1.18 -16.70
C PHE A 193 19.42 -2.27 -16.28
N ASN A 194 20.33 -2.61 -17.18
CA ASN A 194 21.32 -3.64 -16.83
C ASN A 194 22.13 -3.35 -15.56
N SER A 195 22.47 -2.08 -15.32
CA SER A 195 23.27 -1.72 -14.12
C SER A 195 22.42 -1.50 -12.87
N ASP A 196 21.09 -1.60 -13.01
CA ASP A 196 20.18 -1.26 -11.92
C ASP A 196 20.01 -2.52 -11.06
N ASN A 197 20.97 -2.79 -10.19
CA ASN A 197 20.97 -4.06 -9.44
C ASN A 197 20.96 -3.81 -7.92
N GLY A 198 20.99 -4.88 -7.12
CA GLY A 198 21.02 -4.74 -5.68
C GLY A 198 20.69 -6.04 -4.97
N PHE A 199 21.12 -6.12 -3.71
CA PHE A 199 20.96 -7.28 -2.84
C PHE A 199 20.36 -6.85 -1.50
N GLY A 200 19.76 -7.80 -0.80
CA GLY A 200 19.35 -7.58 0.59
C GLY A 200 18.43 -6.39 0.68
N LEU A 201 18.75 -5.46 1.59
CA LEU A 201 17.90 -4.28 1.77
C LEU A 201 18.07 -3.25 0.65
N LEU A 202 19.01 -3.52 -0.27
CA LEU A 202 19.19 -2.67 -1.43
C LEU A 202 18.56 -3.32 -2.69
N SER A 203 17.85 -4.43 -2.53
CA SER A 203 17.23 -5.08 -3.67
C SER A 203 16.12 -4.17 -4.23
N ARG A 204 15.95 -4.18 -5.55
CA ARG A 204 15.08 -3.18 -6.15
C ARG A 204 13.61 -3.62 -6.11
N ARG A 205 13.39 -4.92 -5.89
CA ARG A 205 12.04 -5.47 -5.62
C ARG A 205 10.99 -4.98 -6.64
N GLY A 206 11.33 -5.06 -7.92
CA GLY A 206 10.39 -4.67 -8.96
C GLY A 206 10.61 -3.30 -9.59
N LEU A 207 11.22 -2.38 -8.86
CA LEU A 207 11.46 -1.07 -9.44
C LEU A 207 12.47 -1.18 -10.59
N ILE A 208 12.23 -0.39 -11.63
CA ILE A 208 13.06 -0.44 -12.85
C ILE A 208 13.52 0.97 -13.19
N HIS A 209 14.81 1.13 -13.49
CA HIS A 209 15.33 2.38 -14.04
C HIS A 209 15.71 2.06 -15.48
N THR A 210 14.96 2.56 -16.44
CA THR A 210 15.24 2.24 -17.83
C THR A 210 15.04 3.41 -18.77
N GLN A 211 15.81 3.41 -19.85
CA GLN A 211 15.60 4.36 -20.95
C GLN A 211 14.60 3.78 -21.98
N LYS A 212 14.52 2.46 -22.03
CA LYS A 212 13.90 1.70 -23.13
C LYS A 212 12.37 1.79 -23.24
N GLU A 213 11.89 1.97 -24.47
CA GLU A 213 10.47 1.82 -24.78
C GLU A 213 10.29 0.59 -25.66
N GLY A 214 9.10 0.00 -25.61
CA GLY A 214 8.85 -1.24 -26.33
C GLY A 214 9.34 -2.45 -25.56
N LEU A 215 10.04 -3.34 -26.25
CA LEU A 215 10.62 -4.55 -25.65
C LEU A 215 11.73 -4.20 -24.66
N ILE A 216 11.62 -4.81 -23.49
CA ILE A 216 12.67 -4.72 -22.50
C ILE A 216 12.95 -6.14 -22.02
N TYR A 217 14.23 -6.45 -21.90
CA TYR A 217 14.62 -7.73 -21.29
C TYR A 217 15.98 -7.68 -20.61
N LYS A 218 16.16 -8.55 -19.62
CA LYS A 218 17.38 -8.55 -18.81
C LYS A 218 17.49 -9.92 -18.16
N VAL A 219 18.71 -10.48 -18.15
CA VAL A 219 18.98 -11.72 -17.42
C VAL A 219 20.23 -11.46 -16.60
N PHE A 220 20.26 -11.92 -15.35
CA PHE A 220 21.35 -11.53 -14.47
C PHE A 220 21.65 -12.60 -13.44
N ALA A 221 22.87 -12.53 -12.92
CA ALA A 221 23.32 -13.41 -11.85
C ALA A 221 24.32 -12.60 -11.01
N GLY A 222 24.19 -12.65 -9.68
CA GLY A 222 25.09 -11.90 -8.78
C GLY A 222 25.21 -12.52 -7.41
N VAL A 223 26.22 -12.10 -6.67
CA VAL A 223 26.44 -12.52 -5.28
C VAL A 223 26.99 -11.31 -4.54
N GLU A 224 26.56 -11.15 -3.29
CA GLU A 224 27.09 -10.13 -2.43
C GLU A 224 27.44 -10.74 -1.09
N ARG A 225 28.64 -10.46 -0.60
CA ARG A 225 28.98 -10.89 0.76
C ARG A 225 28.74 -9.74 1.74
N ARG A 226 27.96 -9.96 2.79
CA ARG A 226 27.90 -8.89 3.77
C ARG A 226 28.41 -9.23 5.15
N GLU A 227 29.01 -8.23 5.79
CA GLU A 227 29.55 -8.36 7.13
C GLU A 227 28.55 -7.69 8.05
N VAL A 228 27.93 -8.50 8.91
CA VAL A 228 26.71 -8.09 9.59
C VAL A 228 27.07 -7.66 11.02
N ASP A 229 26.68 -6.42 11.35
CA ASP A 229 26.83 -5.88 12.68
C ASP A 229 25.54 -6.07 13.49
N LYS A 230 24.41 -5.77 12.87
CA LYS A 230 23.10 -5.89 13.55
C LYS A 230 22.08 -6.58 12.67
N ASN A 231 21.24 -7.39 13.31
CA ASN A 231 20.01 -7.88 12.66
C ASN A 231 19.02 -8.11 13.79
N TYR A 232 18.16 -7.12 14.02
CA TYR A 232 17.17 -7.18 15.12
C TYR A 232 16.17 -8.35 15.01
N THR A 233 15.85 -8.81 13.79
CA THR A 233 15.02 -10.01 13.64
C THR A 233 15.63 -11.24 14.35
N LEU A 234 16.97 -11.24 14.52
CA LEU A 234 17.71 -12.34 15.13
C LEU A 234 18.17 -12.04 16.55
N GLN A 235 18.47 -10.77 16.80
CA GLN A 235 19.08 -10.34 18.09
C GLN A 235 18.08 -9.77 19.09
N GLY A 236 16.87 -9.50 18.63
CA GLY A 236 15.80 -9.02 19.50
C GLY A 236 15.32 -10.08 20.48
N LYS A 237 14.60 -9.64 21.50
CA LYS A 237 14.11 -10.51 22.54
C LYS A 237 12.66 -10.89 22.27
N THR A 238 12.30 -12.16 22.50
CA THR A 238 10.93 -12.66 22.27
C THR A 238 9.93 -12.16 23.33
N LEU A 239 8.65 -12.08 22.97
CA LEU A 239 7.61 -11.48 23.83
C LEU A 239 7.37 -12.19 25.17
N GLN A 240 7.30 -13.52 25.11
CA GLN A 240 6.92 -14.36 26.24
C GLN A 240 8.06 -15.15 26.88
N THR A 241 8.90 -15.80 26.07
CA THR A 241 10.08 -16.48 26.63
C THR A 241 11.20 -15.51 26.96
N LYS A 242 11.11 -14.27 26.47
CA LYS A 242 12.10 -13.23 26.77
C LYS A 242 13.56 -13.62 26.49
N MET A 243 13.80 -14.28 25.37
CA MET A 243 15.17 -14.69 25.04
C MET A 243 15.57 -14.18 23.68
N GLU A 244 16.87 -14.10 23.46
CA GLU A 244 17.44 -13.97 22.12
C GLU A 244 17.72 -15.39 21.73
N THR A 245 17.20 -15.82 20.60
CA THR A 245 17.17 -17.26 20.32
C THR A 245 18.41 -17.83 19.62
N VAL A 246 19.26 -16.98 19.04
CA VAL A 246 20.34 -17.45 18.16
C VAL A 246 21.61 -16.63 18.33
N ASP A 247 22.74 -17.18 17.86
CA ASP A 247 24.00 -16.47 17.71
C ASP A 247 24.19 -16.12 16.21
N ILE A 248 24.10 -14.84 15.88
CA ILE A 248 24.18 -14.44 14.46
C ILE A 248 25.53 -14.81 13.85
N ASN A 249 25.52 -15.11 12.54
CA ASN A 249 26.76 -15.29 11.80
C ASN A 249 27.09 -13.92 11.22
N LYS A 250 28.35 -13.53 11.36
CA LYS A 250 28.77 -12.21 10.95
C LYS A 250 29.00 -12.09 9.44
N THR A 251 29.20 -13.20 8.75
CA THR A 251 29.38 -13.19 7.30
C THR A 251 28.25 -13.94 6.62
N VAL A 252 27.55 -13.21 5.74
CA VAL A 252 26.34 -13.72 5.09
C VAL A 252 26.44 -13.40 3.58
N ASP A 253 26.27 -14.41 2.75
CA ASP A 253 26.29 -14.26 1.29
C ASP A 253 24.88 -14.34 0.76
N GLU A 254 24.59 -13.51 -0.25
CA GLU A 254 23.30 -13.53 -0.94
C GLU A 254 23.49 -13.72 -2.45
N TYR A 255 22.84 -14.74 -2.99
CA TYR A 255 22.91 -15.05 -4.42
C TYR A 255 21.57 -14.70 -5.07
N ARG A 256 21.61 -14.14 -6.27
CA ARG A 256 20.38 -13.77 -6.98
C ARG A 256 20.58 -14.10 -8.45
N VAL A 257 19.65 -14.87 -9.01
CA VAL A 257 19.66 -15.18 -10.41
C VAL A 257 18.25 -14.88 -10.91
N GLY A 258 18.14 -14.12 -12.00
CA GLY A 258 16.80 -13.79 -12.46
C GLY A 258 16.71 -13.14 -13.81
N ALA A 259 15.50 -12.69 -14.14
CA ALA A 259 15.21 -12.11 -15.47
C ALA A 259 13.99 -11.19 -15.41
N THR A 260 13.96 -10.26 -16.36
CA THR A 260 12.80 -9.44 -16.66
C THR A 260 12.46 -9.53 -18.15
N ILE A 261 11.17 -9.65 -18.46
CA ILE A 261 10.72 -9.52 -19.84
C ILE A 261 9.48 -8.65 -19.83
N GLY A 262 9.47 -7.65 -20.70
CA GLY A 262 8.33 -6.78 -20.80
C GLY A 262 8.16 -6.13 -22.15
N TYR A 263 7.03 -5.47 -22.29
CA TYR A 263 6.76 -4.64 -23.45
C TYR A 263 5.98 -3.47 -22.93
N SER A 264 6.51 -2.27 -23.11
CA SER A 264 5.81 -1.04 -22.73
C SER A 264 4.29 -1.24 -22.85
N PRO A 265 3.56 -1.01 -21.73
CA PRO A 265 4.05 -0.52 -20.45
C PRO A 265 4.14 -1.56 -19.31
N VAL A 266 4.30 -2.83 -19.64
CA VAL A 266 4.27 -3.85 -18.57
C VAL A 266 5.46 -4.82 -18.61
N ALA A 267 6.03 -5.10 -17.43
CA ALA A 267 7.16 -6.02 -17.38
C ALA A 267 6.99 -6.98 -16.22
N PHE A 268 7.46 -8.20 -16.41
CA PHE A 268 7.38 -9.28 -15.43
C PHE A 268 8.80 -9.67 -15.09
N SER A 269 9.05 -9.89 -13.81
CA SER A 269 10.36 -10.28 -13.30
C SER A 269 10.28 -11.48 -12.36
N LEU A 270 11.31 -12.33 -12.39
CA LEU A 270 11.45 -13.40 -11.41
C LEU A 270 12.90 -13.41 -10.93
N SER A 271 13.11 -13.52 -9.62
CA SER A 271 14.45 -13.64 -9.06
C SER A 271 14.50 -14.87 -8.14
N LEU A 272 15.48 -15.73 -8.38
CA LEU A 272 15.72 -16.94 -7.58
C LEU A 272 16.87 -16.65 -6.63
N ASN A 273 16.58 -16.71 -5.33
CA ASN A 273 17.50 -16.15 -4.35
C ASN A 273 17.93 -17.14 -3.31
N LYS A 274 19.18 -17.00 -2.82
CA LYS A 274 19.62 -17.79 -1.67
C LYS A 274 20.40 -16.91 -0.71
N VAL A 275 20.09 -17.05 0.58
CA VAL A 275 20.84 -16.36 1.61
C VAL A 275 21.56 -17.44 2.46
N THR A 276 22.86 -17.32 2.64
CA THR A 276 23.58 -18.30 3.47
C THR A 276 23.23 -18.16 4.96
N SER A 277 23.42 -19.23 5.72
CA SER A 277 23.05 -19.25 7.12
C SER A 277 23.28 -17.93 7.86
N GLU A 278 22.22 -17.36 8.42
CA GLU A 278 22.37 -16.10 9.19
C GLU A 278 22.68 -16.25 10.69
N PHE A 279 22.69 -17.50 11.17
CA PHE A 279 23.06 -17.77 12.56
C PHE A 279 23.64 -19.16 12.72
N ARG A 280 24.39 -19.34 13.80
CA ARG A 280 25.26 -20.52 13.90
C ARG A 280 24.50 -21.82 13.71
N THR A 281 23.33 -21.91 14.32
CA THR A 281 22.50 -23.13 14.31
C THR A 281 21.48 -23.18 13.15
N GLY A 282 21.57 -22.22 12.22
CA GLY A 282 20.69 -22.18 11.05
C GLY A 282 21.28 -22.87 9.85
N ASP A 283 20.75 -22.56 8.67
CA ASP A 283 21.39 -23.01 7.43
C ASP A 283 20.94 -22.10 6.32
N ASP A 284 21.51 -22.30 5.13
CA ASP A 284 21.17 -21.47 3.95
C ASP A 284 19.71 -21.68 3.63
N TYR A 285 19.05 -20.63 3.11
CA TYR A 285 17.67 -20.74 2.71
C TYR A 285 17.43 -20.08 1.35
N SER A 286 16.50 -20.63 0.60
CA SER A 286 16.17 -20.13 -0.75
C SER A 286 14.72 -19.64 -0.84
N TYR A 287 14.50 -18.68 -1.71
CA TYR A 287 13.17 -18.14 -1.93
C TYR A 287 13.15 -17.46 -3.29
N ILE A 288 11.96 -17.06 -3.72
CA ILE A 288 11.83 -16.29 -4.95
C ILE A 288 11.15 -14.98 -4.69
N ASN A 289 11.33 -14.05 -5.61
CA ASN A 289 10.38 -12.94 -5.71
C ASN A 289 9.90 -12.85 -7.17
N GLY A 290 8.62 -12.51 -7.33
CA GLY A 290 8.03 -12.27 -8.64
C GLY A 290 7.45 -10.88 -8.64
N ASP A 291 7.73 -10.13 -9.70
CA ASP A 291 7.34 -8.72 -9.72
C ASP A 291 6.56 -8.37 -10.99
N ILE A 292 5.59 -7.47 -10.83
CA ILE A 292 4.90 -6.90 -11.98
C ILE A 292 5.17 -5.41 -11.91
N THR A 293 5.74 -4.86 -12.98
CA THR A 293 6.17 -3.49 -12.99
C THR A 293 5.52 -2.79 -14.18
N PHE A 294 4.85 -1.69 -13.90
CA PHE A 294 4.34 -0.81 -14.95
C PHE A 294 5.37 0.26 -15.15
N PHE A 295 5.86 0.40 -16.37
CA PHE A 295 6.96 1.33 -16.66
C PHE A 295 6.55 2.17 -17.88
N PHE A 296 6.74 3.47 -17.77
CA PHE A 296 6.12 4.41 -18.69
C PHE A 296 6.83 5.76 -18.61
N SER B 1 1.37 14.16 -12.89
CA SER B 1 1.00 12.96 -12.09
C SER B 1 0.87 13.33 -10.62
N SER B 2 0.16 12.49 -9.85
CA SER B 2 0.05 12.71 -8.42
C SER B 2 0.16 11.38 -7.66
N LEU B 3 0.82 11.40 -6.50
CA LEU B 3 0.88 10.27 -5.56
C LEU B 3 0.28 10.77 -4.25
N ALA B 4 -0.73 10.04 -3.73
CA ALA B 4 -1.52 10.56 -2.60
C ALA B 4 -1.68 9.56 -1.47
N ILE B 5 -1.60 10.07 -0.25
CA ILE B 5 -2.03 9.30 0.93
C ILE B 5 -3.20 10.06 1.59
N SER B 6 -4.28 9.34 1.87
CA SER B 6 -5.42 9.95 2.49
C SER B 6 -5.84 9.12 3.72
N VAL B 7 -6.16 9.80 4.82
CA VAL B 7 -6.63 9.16 6.05
C VAL B 7 -7.99 9.75 6.40
N ALA B 8 -8.99 8.89 6.64
CA ALA B 8 -10.32 9.34 7.07
C ALA B 8 -10.51 8.94 8.54
N ASN B 9 -11.18 9.80 9.30
CA ASN B 9 -11.48 9.51 10.71
C ASN B 9 -12.77 10.23 11.13
N ASP B 10 -13.63 9.56 11.91
CA ASP B 10 -14.78 10.26 12.56
C ASP B 10 -14.29 11.21 13.66
N ASP B 11 -13.15 10.89 14.25
CA ASP B 11 -12.52 11.78 15.23
C ASP B 11 -11.68 12.82 14.46
N ALA B 12 -12.18 14.05 14.41
CA ALA B 12 -11.57 15.08 13.55
C ALA B 12 -10.47 15.87 14.20
N GLY B 13 -10.13 15.54 15.45
CA GLY B 13 -9.03 16.18 16.14
C GLY B 13 -9.21 17.69 16.27
N ILE B 14 -8.23 18.45 15.83
CA ILE B 14 -8.29 19.92 15.89
C ILE B 14 -9.34 20.51 14.95
N PHE B 15 -9.77 19.70 13.98
CA PHE B 15 -10.82 20.11 13.06
C PHE B 15 -12.23 19.78 13.56
N GLN B 16 -12.34 19.13 14.74
CA GLN B 16 -13.67 18.80 15.29
C GLN B 16 -14.60 20.01 15.56
N PRO B 17 -14.08 21.11 16.17
CA PRO B 17 -14.95 22.28 16.31
C PRO B 17 -15.51 22.79 14.95
N SER B 18 -14.72 22.75 13.89
CA SER B 18 -15.16 23.18 12.56
C SER B 18 -16.18 22.20 12.00
N LEU B 19 -15.91 20.91 12.16
CA LEU B 19 -16.84 19.88 11.66
C LEU B 19 -18.19 19.99 12.38
N ASN B 20 -18.14 20.18 13.71
CA ASN B 20 -19.36 20.32 14.51
C ASN B 20 -20.17 21.57 14.20
N ALA B 21 -19.47 22.69 13.95
CA ALA B 21 -20.11 23.98 13.60
C ALA B 21 -20.84 23.84 12.27
N LEU B 22 -20.25 23.09 11.35
CA LEU B 22 -20.82 22.88 10.02
C LEU B 22 -22.01 21.89 9.98
N TYR B 23 -21.89 20.79 10.70
CA TYR B 23 -22.88 19.70 10.60
C TYR B 23 -23.73 19.46 11.84
N GLY B 24 -23.40 20.13 12.94
CA GLY B 24 -24.09 19.92 14.20
C GLY B 24 -23.44 18.81 15.03
N HIS B 25 -23.69 18.88 16.33
CA HIS B 25 -23.02 17.90 17.19
C HIS B 25 -23.55 16.46 17.09
N PRO B 26 -24.87 16.25 16.86
CA PRO B 26 -25.32 14.84 16.84
C PRO B 26 -24.67 13.97 15.77
N ALA B 27 -24.35 14.55 14.60
CA ALA B 27 -23.50 13.86 13.59
C ALA B 27 -22.17 13.31 14.11
N ALA B 28 -21.54 14.04 15.03
CA ALA B 28 -20.27 13.64 15.62
C ALA B 28 -20.44 12.60 16.72
N ASP B 29 -21.70 12.35 17.14
CA ASP B 29 -21.98 11.35 18.18
C ASP B 29 -22.09 9.94 17.59
N ARG B 30 -22.24 9.89 16.27
CA ARG B 30 -22.23 8.63 15.54
C ARG B 30 -20.81 8.28 15.11
N GLY B 31 -20.62 7.04 14.71
CA GLY B 31 -19.31 6.55 14.37
C GLY B 31 -19.35 5.54 13.25
N ASP B 32 -20.39 5.62 12.42
CA ASP B 32 -20.56 4.74 11.29
C ASP B 32 -19.29 4.42 10.48
N TYR B 33 -18.60 5.47 10.00
CA TYR B 33 -17.36 5.33 9.22
C TYR B 33 -16.22 5.71 10.15
N THR B 34 -15.51 4.69 10.64
CA THR B 34 -14.55 4.92 11.72
C THR B 34 -13.09 5.19 11.30
N ALA B 35 -12.68 4.69 10.13
CA ALA B 35 -11.28 4.84 9.72
C ALA B 35 -11.17 4.62 8.22
N GLY B 36 -10.34 5.41 7.58
CA GLY B 36 -10.03 5.20 6.16
C GLY B 36 -8.56 5.32 5.99
N LEU B 37 -8.00 4.43 5.16
CA LEU B 37 -6.62 4.59 4.64
C LEU B 37 -6.60 4.33 3.14
N PHE B 38 -5.95 5.23 2.39
CA PHE B 38 -5.97 5.18 0.93
C PHE B 38 -4.58 5.61 0.46
N LEU B 39 -4.03 4.84 -0.47
CA LEU B 39 -2.79 5.20 -1.17
C LEU B 39 -3.12 5.16 -2.66
N GLY B 40 -2.79 6.22 -3.40
CA GLY B 40 -3.15 6.20 -4.83
C GLY B 40 -2.09 6.86 -5.70
N TYR B 41 -2.11 6.51 -6.98
CA TYR B 41 -1.21 7.13 -7.97
C TYR B 41 -1.99 7.44 -9.25
N SER B 42 -1.89 8.70 -9.70
CA SER B 42 -2.51 9.11 -10.97
C SER B 42 -1.38 9.46 -11.93
N HIS B 43 -1.53 9.06 -13.18
CA HIS B 43 -0.57 9.42 -14.21
C HIS B 43 -1.27 10.14 -15.35
N ASP B 44 -0.79 11.33 -15.68
CA ASP B 44 -1.29 12.05 -16.85
C ASP B 44 -0.79 11.42 -18.14
N LEU B 45 -1.71 10.83 -18.89
CA LEU B 45 -1.41 10.32 -20.23
C LEU B 45 -1.38 11.45 -21.27
N THR B 46 -2.26 12.43 -21.08
CA THR B 46 -2.24 13.71 -21.78
C THR B 46 -2.58 14.76 -20.73
N ASP B 47 -2.56 16.03 -21.10
CA ASP B 47 -3.02 17.08 -20.20
C ASP B 47 -4.50 16.91 -19.80
N ALA B 48 -5.29 16.26 -20.65
CA ALA B 48 -6.72 16.12 -20.43
C ALA B 48 -7.13 14.85 -19.67
N SER B 49 -6.22 13.88 -19.53
CA SER B 49 -6.58 12.51 -19.16
C SER B 49 -5.60 11.84 -18.24
N GLN B 50 -6.14 11.22 -17.18
CA GLN B 50 -5.36 10.45 -16.21
C GLN B 50 -5.83 9.02 -16.10
N LEU B 51 -4.87 8.14 -15.81
CA LEU B 51 -5.16 6.78 -15.36
C LEU B 51 -4.67 6.70 -13.93
N SER B 52 -5.49 6.14 -13.04
CA SER B 52 -5.10 6.08 -11.65
C SER B 52 -5.23 4.68 -11.05
N PHE B 53 -4.31 4.35 -10.13
CA PHE B 53 -4.31 3.12 -9.38
C PHE B 53 -4.42 3.44 -7.89
N HIS B 54 -5.11 2.58 -7.12
CA HIS B 54 -5.17 2.77 -5.67
C HIS B 54 -5.35 1.44 -4.92
N ILE B 55 -5.09 1.49 -3.63
CA ILE B 55 -5.37 0.44 -2.66
C ILE B 55 -5.96 1.18 -1.46
N ALA B 56 -6.98 0.60 -0.83
CA ALA B 56 -7.58 1.29 0.32
C ALA B 56 -8.25 0.27 1.25
N GLN B 57 -8.34 0.66 2.52
CA GLN B 57 -9.13 -0.06 3.54
C GLN B 57 -10.08 0.93 4.23
N ASP B 58 -11.36 0.59 4.22
CA ASP B 58 -12.38 1.37 4.96
C ASP B 58 -13.03 0.49 6.01
N ILE B 59 -13.17 1.04 7.23
CA ILE B 59 -13.68 0.36 8.41
C ILE B 59 -14.98 1.05 8.88
N TYR B 60 -16.00 0.23 9.10
CA TYR B 60 -17.34 0.67 9.52
C TYR B 60 -17.66 0.10 10.89
N SER B 61 -18.51 0.78 11.64
CA SER B 61 -18.63 0.54 13.07
C SER B 61 -20.02 0.85 13.60
N PRO B 62 -20.51 0.08 14.60
CA PRO B 62 -21.66 0.52 15.41
C PRO B 62 -21.38 1.85 16.07
N SER B 63 -22.41 2.53 16.55
CA SER B 63 -22.21 3.81 17.21
C SER B 63 -22.45 3.79 18.72
N GLY B 64 -21.79 4.72 19.42
CA GLY B 64 -22.04 4.95 20.84
C GLY B 64 -21.77 3.73 21.69
N ALA B 65 -22.71 3.45 22.59
CA ALA B 65 -22.61 2.32 23.52
C ALA B 65 -22.51 0.96 22.82
N ASN B 66 -23.09 0.85 21.60
CA ASN B 66 -23.02 -0.38 20.81
C ASN B 66 -21.61 -0.85 20.45
N LYS B 67 -20.66 0.07 20.38
CA LYS B 67 -19.25 -0.27 20.08
C LYS B 67 -18.68 -1.25 21.10
N ARG B 68 -19.19 -1.22 22.32
CA ARG B 68 -18.58 -2.00 23.41
C ARG B 68 -19.28 -3.32 23.72
N LYS B 69 -20.38 -3.59 23.04
CA LYS B 69 -21.16 -4.82 23.24
C LYS B 69 -20.49 -6.03 22.58
N PRO B 70 -20.74 -7.25 23.10
CA PRO B 70 -20.03 -8.42 22.55
C PRO B 70 -20.45 -8.84 21.15
N GLU B 71 -21.66 -8.50 20.74
CA GLU B 71 -22.15 -8.87 19.42
C GLU B 71 -22.78 -7.67 18.74
N ALA B 72 -23.09 -7.84 17.45
CA ALA B 72 -23.85 -6.84 16.72
C ALA B 72 -25.26 -6.67 17.33
N VAL B 73 -25.75 -5.44 17.29
CA VAL B 73 -27.03 -5.06 17.88
C VAL B 73 -28.01 -4.83 16.74
N LYS B 74 -29.14 -5.51 16.77
CA LYS B 74 -30.20 -5.25 15.82
C LYS B 74 -30.55 -3.73 15.95
N GLY B 75 -30.61 -3.03 14.82
CA GLY B 75 -30.87 -1.57 14.82
C GLY B 75 -29.65 -0.69 14.57
N ASP B 76 -28.47 -1.28 14.56
CA ASP B 76 -27.25 -0.51 14.24
C ASP B 76 -26.43 -1.39 13.31
N ARG B 77 -25.55 -0.80 12.52
CA ARG B 77 -24.71 -1.59 11.64
C ARG B 77 -23.75 -2.44 12.47
N ALA B 78 -23.33 -3.57 11.91
CA ALA B 78 -22.29 -4.41 12.47
C ALA B 78 -20.91 -3.80 12.19
N PHE B 79 -19.87 -4.26 12.88
CA PHE B 79 -18.52 -3.90 12.43
C PHE B 79 -18.32 -4.53 11.06
N SER B 80 -17.62 -3.84 10.17
CA SER B 80 -17.26 -4.42 8.88
C SER B 80 -16.09 -3.64 8.30
N ALA B 81 -15.45 -4.21 7.27
CA ALA B 81 -14.40 -3.48 6.55
C ALA B 81 -14.40 -3.82 5.07
N PHE B 82 -13.92 -2.88 4.24
CA PHE B 82 -13.94 -2.98 2.79
C PHE B 82 -12.51 -2.77 2.37
N LEU B 83 -11.89 -3.79 1.80
CA LEU B 83 -10.52 -3.71 1.28
C LEU B 83 -10.58 -3.76 -0.24
N HIS B 84 -9.99 -2.79 -0.90
CA HIS B 84 -10.22 -2.60 -2.34
C HIS B 84 -8.99 -2.07 -3.06
N THR B 85 -8.89 -2.44 -4.32
CA THR B 85 -7.89 -1.91 -5.22
C THR B 85 -8.56 -1.73 -6.57
N GLY B 86 -8.11 -0.77 -7.38
CA GLY B 86 -8.79 -0.61 -8.67
C GLY B 86 -8.05 0.33 -9.59
N LEU B 87 -8.58 0.47 -10.80
CA LEU B 87 -8.04 1.39 -11.79
C LEU B 87 -9.14 2.36 -12.20
N GLU B 88 -8.75 3.56 -12.66
CA GLU B 88 -9.75 4.54 -13.07
C GLU B 88 -9.22 5.45 -14.17
N TRP B 89 -10.09 5.76 -15.12
CA TRP B 89 -9.80 6.71 -16.19
C TRP B 89 -10.56 7.99 -15.87
N ASN B 90 -9.87 9.12 -15.91
CA ASN B 90 -10.44 10.41 -15.53
C ASN B 90 -10.06 11.39 -16.61
N SER B 91 -11.06 11.94 -17.32
CA SER B 91 -10.78 12.70 -18.54
C SER B 91 -11.70 13.91 -18.76
N LEU B 92 -11.12 15.00 -19.27
CA LEU B 92 -11.89 16.13 -19.77
C LEU B 92 -12.27 15.80 -21.21
N ALA B 93 -13.55 15.70 -21.52
CA ALA B 93 -13.94 15.40 -22.89
C ALA B 93 -13.90 16.69 -23.71
N THR B 94 -14.36 17.80 -23.12
CA THR B 94 -14.11 19.14 -23.65
C THR B 94 -13.88 20.05 -22.43
N ASN B 95 -13.88 21.37 -22.64
CA ASN B 95 -13.78 22.31 -21.53
C ASN B 95 -15.08 22.46 -20.72
N TRP B 96 -16.13 21.74 -21.15
CA TRP B 96 -17.42 21.77 -20.45
C TRP B 96 -17.84 20.38 -19.90
N LEU B 97 -17.02 19.36 -20.10
CA LEU B 97 -17.38 18.01 -19.69
C LEU B 97 -16.18 17.24 -19.10
N ARG B 98 -16.37 16.64 -17.92
CA ARG B 98 -15.39 15.72 -17.33
C ARG B 98 -16.12 14.40 -17.11
N TYR B 99 -15.46 13.28 -17.37
CA TYR B 99 -16.07 11.99 -17.04
C TYR B 99 -15.01 11.05 -16.45
N ARG B 100 -15.49 10.03 -15.73
CA ARG B 100 -14.63 9.07 -15.07
C ARG B 100 -15.22 7.70 -15.21
N LEU B 101 -14.37 6.71 -15.41
CA LEU B 101 -14.79 5.31 -15.46
C LEU B 101 -13.81 4.49 -14.65
N GLY B 102 -14.31 3.68 -13.74
CA GLY B 102 -13.42 2.86 -12.92
C GLY B 102 -13.96 1.50 -12.51
N THR B 103 -13.05 0.59 -12.18
CA THR B 103 -13.41 -0.73 -11.65
C THR B 103 -12.56 -1.06 -10.44
N ASP B 104 -13.18 -1.58 -9.36
CA ASP B 104 -12.45 -2.10 -8.19
C ASP B 104 -12.64 -3.59 -8.11
N ILE B 105 -11.66 -4.30 -7.57
CA ILE B 105 -11.94 -5.60 -6.99
C ILE B 105 -11.72 -5.44 -5.50
N GLY B 106 -12.48 -6.18 -4.69
CA GLY B 106 -12.37 -6.02 -3.28
C GLY B 106 -13.08 -7.09 -2.50
N VAL B 107 -13.05 -6.93 -1.20
CA VAL B 107 -13.79 -7.82 -0.30
C VAL B 107 -14.36 -7.00 0.87
N ILE B 108 -15.60 -7.32 1.24
CA ILE B 108 -16.15 -6.90 2.52
C ILE B 108 -16.25 -8.15 3.38
N GLY B 109 -15.67 -8.12 4.58
CA GLY B 109 -15.68 -9.28 5.43
C GLY B 109 -14.46 -9.33 6.31
N PRO B 110 -14.33 -10.42 7.11
CA PRO B 110 -13.10 -10.69 7.85
C PRO B 110 -11.80 -10.57 7.02
N ASP B 111 -11.85 -11.02 5.77
CA ASP B 111 -10.70 -11.03 4.88
C ASP B 111 -10.28 -9.58 4.56
N ALA B 112 -11.16 -8.61 4.84
CA ALA B 112 -10.81 -7.20 4.61
C ALA B 112 -9.86 -6.63 5.68
N GLY B 113 -9.72 -7.37 6.80
CA GLY B 113 -8.74 -7.06 7.84
C GLY B 113 -9.06 -5.93 8.81
N GLY B 114 -10.32 -5.57 8.96
CA GLY B 114 -10.70 -4.47 9.89
C GLY B 114 -10.39 -4.73 11.36
N GLN B 115 -10.66 -5.96 11.82
CA GLN B 115 -10.41 -6.30 13.23
C GLN B 115 -8.93 -6.19 13.52
N GLU B 116 -8.14 -6.76 12.62
CA GLU B 116 -6.71 -6.75 12.76
C GLU B 116 -6.19 -5.32 12.85
N VAL B 117 -6.62 -4.45 11.93
CA VAL B 117 -6.09 -3.10 11.85
C VAL B 117 -6.52 -2.25 13.04
N GLN B 118 -7.79 -2.32 13.42
CA GLN B 118 -8.31 -1.50 14.51
C GLN B 118 -7.79 -2.02 15.85
N ASN B 119 -7.82 -3.33 16.07
CA ASN B 119 -7.21 -3.89 17.28
C ASN B 119 -5.75 -3.47 17.46
N ARG B 120 -5.00 -3.42 16.35
CA ARG B 120 -3.60 -2.97 16.37
C ARG B 120 -3.50 -1.52 16.81
N ALA B 121 -4.30 -0.66 16.18
CA ALA B 121 -4.27 0.76 16.48
C ALA B 121 -4.64 1.03 17.93
N HIS B 122 -5.64 0.30 18.43
CA HIS B 122 -6.08 0.40 19.83
C HIS B 122 -5.01 -0.13 20.77
N ARG B 123 -4.40 -1.27 20.43
CA ARG B 123 -3.31 -1.81 21.25
C ARG B 123 -2.18 -0.81 21.40
N ILE B 124 -1.75 -0.25 20.28
CA ILE B 124 -0.64 0.71 20.23
C ILE B 124 -0.88 1.93 21.14
N ILE B 125 -2.12 2.44 21.17
CA ILE B 125 -2.45 3.63 21.98
C ILE B 125 -3.07 3.32 23.34
N GLY B 126 -3.04 2.06 23.77
CA GLY B 126 -3.60 1.65 25.05
C GLY B 126 -5.13 1.70 25.19
N ALA B 127 -5.84 1.93 24.09
CA ALA B 127 -7.30 1.78 24.07
C ALA B 127 -7.64 0.29 24.05
N GLU B 128 -8.84 -0.08 24.50
CA GLU B 128 -9.20 -1.49 24.44
C GLU B 128 -9.97 -1.87 23.19
N LYS B 129 -9.91 -3.14 22.85
CA LYS B 129 -10.46 -3.61 21.61
C LYS B 129 -11.96 -3.71 21.72
N TYR B 130 -12.63 -3.70 20.57
CA TYR B 130 -14.07 -3.91 20.49
C TYR B 130 -14.40 -5.35 20.15
N PRO B 131 -14.97 -6.10 21.12
CA PRO B 131 -15.15 -7.55 20.92
C PRO B 131 -16.17 -7.91 19.83
N ALA B 132 -17.06 -7.00 19.48
CA ALA B 132 -18.08 -7.30 18.47
C ALA B 132 -17.55 -7.45 17.05
N TRP B 133 -16.24 -7.26 16.85
CA TRP B 133 -15.59 -7.74 15.62
C TRP B 133 -15.80 -9.25 15.42
N GLN B 134 -16.05 -9.99 16.49
CA GLN B 134 -16.27 -11.45 16.36
C GLN B 134 -17.56 -11.68 15.57
N ASP B 135 -18.40 -10.66 15.55
CA ASP B 135 -19.70 -10.76 14.90
C ASP B 135 -19.80 -9.80 13.69
N GLN B 136 -18.65 -9.53 13.06
CA GLN B 136 -18.61 -8.58 11.94
C GLN B 136 -19.31 -9.21 10.73
N ILE B 137 -19.56 -8.39 9.69
CA ILE B 137 -20.18 -8.87 8.47
C ILE B 137 -19.27 -9.92 7.82
N GLU B 138 -19.88 -11.00 7.32
CA GLU B 138 -19.16 -12.13 6.74
C GLU B 138 -18.64 -11.82 5.32
N ASN B 139 -17.60 -12.55 4.90
CA ASN B 139 -16.99 -12.35 3.56
C ASN B 139 -17.95 -12.38 2.39
N ARG B 140 -17.84 -11.35 1.55
CA ARG B 140 -18.27 -11.40 0.15
C ARG B 140 -17.18 -10.70 -0.70
N TYR B 141 -16.57 -11.47 -1.61
CA TYR B 141 -15.63 -10.93 -2.58
C TYR B 141 -16.44 -10.36 -3.74
N GLY B 142 -15.95 -9.30 -4.37
CA GLY B 142 -16.70 -8.74 -5.47
C GLY B 142 -15.94 -7.62 -6.16
N TYR B 143 -16.70 -6.77 -6.81
CA TYR B 143 -16.13 -5.75 -7.65
C TYR B 143 -17.10 -4.57 -7.62
N THR B 144 -16.59 -3.39 -8.01
CA THR B 144 -17.47 -2.30 -8.31
C THR B 144 -17.15 -1.77 -9.71
N ALA B 145 -18.19 -1.34 -10.42
CA ALA B 145 -18.06 -0.61 -11.69
C ALA B 145 -18.56 0.80 -11.40
N LYS B 146 -17.76 1.79 -11.71
CA LYS B 146 -18.04 3.16 -11.27
C LYS B 146 -17.96 4.13 -12.45
N GLY B 147 -18.79 5.16 -12.42
CA GLY B 147 -18.74 6.17 -13.47
C GLY B 147 -19.28 7.48 -12.97
N MET B 148 -18.90 8.57 -13.63
CA MET B 148 -19.36 9.90 -13.27
C MET B 148 -19.24 10.77 -14.50
N VAL B 149 -20.23 11.63 -14.71
CA VAL B 149 -20.10 12.67 -15.73
C VAL B 149 -20.47 13.99 -15.08
N SER B 150 -19.65 15.01 -15.33
CA SER B 150 -19.91 16.32 -14.75
C SER B 150 -19.84 17.37 -15.84
N LEU B 151 -20.75 18.34 -15.79
CA LEU B 151 -20.65 19.54 -16.59
C LEU B 151 -19.73 20.47 -15.82
N THR B 152 -18.96 21.28 -16.53
CA THR B 152 -17.92 22.07 -15.88
C THR B 152 -17.91 23.57 -16.26
N PRO B 153 -19.09 24.22 -16.27
CA PRO B 153 -19.09 25.66 -16.53
C PRO B 153 -18.29 26.42 -15.46
N ALA B 154 -17.36 27.27 -15.91
CA ALA B 154 -16.57 28.07 -14.97
C ALA B 154 -16.18 29.42 -15.56
N ILE B 155 -15.88 30.38 -14.67
CA ILE B 155 -15.44 31.72 -15.08
C ILE B 155 -14.03 31.98 -14.51
N ASP B 156 -13.24 32.82 -15.18
CA ASP B 156 -11.91 33.19 -14.73
C ASP B 156 -11.86 34.68 -14.43
N ILE B 157 -11.51 35.00 -13.19
CA ILE B 157 -11.50 36.39 -12.70
C ILE B 157 -10.15 36.66 -12.08
N LEU B 158 -9.26 37.33 -12.82
CA LEU B 158 -7.96 37.80 -12.28
C LEU B 158 -7.09 36.66 -11.67
N GLY B 159 -7.07 35.52 -12.34
CA GLY B 159 -6.29 34.37 -11.87
C GLY B 159 -7.06 33.40 -10.97
N VAL B 160 -8.29 33.75 -10.61
CA VAL B 160 -9.16 32.87 -9.80
C VAL B 160 -10.22 32.24 -10.72
N ASN B 161 -10.26 30.90 -10.77
CA ASN B 161 -11.30 30.18 -11.50
C ASN B 161 -12.44 29.88 -10.53
N VAL B 162 -13.68 30.13 -10.94
CA VAL B 162 -14.87 29.89 -10.09
C VAL B 162 -15.84 29.06 -10.92
N GLY B 163 -16.32 27.94 -10.39
CA GLY B 163 -17.04 26.98 -11.19
C GLY B 163 -18.18 26.32 -10.45
N PHE B 164 -19.09 25.76 -11.23
CA PHE B 164 -20.28 25.08 -10.76
C PHE B 164 -20.34 23.74 -11.53
N TYR B 165 -20.46 22.63 -10.80
CA TYR B 165 -20.20 21.31 -11.37
C TYR B 165 -21.32 20.31 -11.08
N PRO B 166 -22.43 20.41 -11.83
CA PRO B 166 -23.51 19.47 -11.63
C PRO B 166 -23.08 18.12 -12.22
N GLU B 167 -23.50 17.02 -11.60
CA GLU B 167 -22.88 15.74 -11.95
C GLU B 167 -23.83 14.58 -11.70
N VAL B 168 -23.59 13.48 -12.38
CA VAL B 168 -24.33 12.26 -12.13
C VAL B 168 -23.28 11.17 -11.98
N SER B 169 -23.53 10.25 -11.06
CA SER B 169 -22.59 9.17 -10.78
C SER B 169 -23.35 7.86 -10.68
N ALA B 170 -22.69 6.75 -10.98
CA ALA B 170 -23.30 5.45 -10.78
C ALA B 170 -22.30 4.42 -10.34
N VAL B 171 -22.74 3.52 -9.47
CA VAL B 171 -21.90 2.42 -9.02
C VAL B 171 -22.73 1.14 -9.18
N GLY B 172 -22.11 0.09 -9.73
CA GLY B 172 -22.76 -1.22 -9.88
C GLY B 172 -21.86 -2.32 -9.34
N GLY B 173 -22.39 -3.53 -9.30
CA GLY B 173 -21.64 -4.69 -8.85
C GLY B 173 -22.37 -5.38 -7.71
N ASN B 174 -21.64 -6.25 -6.99
CA ASN B 174 -22.28 -7.10 -5.95
C ASN B 174 -21.99 -6.65 -4.53
N LEU B 175 -21.35 -5.48 -4.40
CA LEU B 175 -21.00 -4.91 -3.09
C LEU B 175 -21.83 -3.64 -2.83
N PHE B 176 -21.85 -2.72 -3.79
CA PHE B 176 -22.55 -1.44 -3.70
C PHE B 176 -23.20 -1.15 -5.05
N GLN B 177 -24.44 -0.68 -5.03
CA GLN B 177 -25.14 -0.21 -6.21
C GLN B 177 -25.91 1.06 -5.88
N TYR B 178 -25.59 2.13 -6.60
CA TYR B 178 -26.36 3.36 -6.47
C TYR B 178 -26.28 4.24 -7.70
N LEU B 179 -27.23 5.18 -7.80
CA LEU B 179 -27.20 6.23 -8.81
C LEU B 179 -27.25 7.58 -8.06
N GLY B 180 -26.30 8.48 -8.37
CA GLY B 180 -26.21 9.74 -7.66
C GLY B 180 -26.37 10.96 -8.56
N TYR B 181 -26.92 12.05 -8.02
CA TYR B 181 -26.89 13.33 -8.70
C TYR B 181 -26.55 14.40 -7.69
N GLY B 182 -25.73 15.35 -8.12
CA GLY B 182 -25.23 16.33 -7.15
C GLY B 182 -24.57 17.49 -7.82
N ALA B 183 -23.97 18.36 -7.02
CA ALA B 183 -23.30 19.52 -7.58
C ALA B 183 -22.24 19.96 -6.59
N THR B 184 -21.15 20.53 -7.12
CA THR B 184 -20.09 21.09 -6.29
C THR B 184 -19.85 22.51 -6.80
N VAL B 185 -19.56 23.45 -5.90
CA VAL B 185 -19.04 24.74 -6.32
C VAL B 185 -17.62 24.86 -5.84
N ALA B 186 -16.78 25.48 -6.66
CA ALA B 186 -15.40 25.60 -6.26
C ALA B 186 -14.79 26.91 -6.72
N LEU B 187 -13.80 27.35 -5.97
CA LEU B 187 -12.91 28.40 -6.45
C LEU B 187 -11.46 28.03 -6.19
N GLY B 188 -10.55 28.50 -7.05
CA GLY B 188 -9.13 28.20 -6.86
C GLY B 188 -8.36 28.72 -8.05
N ASN B 189 -7.07 28.41 -8.12
CA ASN B 189 -6.26 28.97 -9.20
C ASN B 189 -6.07 28.07 -10.44
N ASP B 190 -6.75 26.93 -10.48
CA ASP B 190 -6.62 26.02 -11.62
C ASP B 190 -7.95 25.47 -12.14
N LYS B 191 -8.25 25.76 -13.40
CA LYS B 191 -9.50 25.30 -14.03
C LYS B 191 -9.70 23.77 -13.91
N THR B 192 -8.65 23.01 -14.23
CA THR B 192 -8.70 21.54 -14.27
C THR B 192 -8.91 20.97 -12.86
N PHE B 193 -8.07 21.37 -11.90
CA PHE B 193 -8.24 20.92 -10.50
C PHE B 193 -9.62 21.24 -9.94
N ASN B 194 -10.12 22.43 -10.25
CA ASN B 194 -11.43 22.84 -9.75
C ASN B 194 -12.59 21.92 -10.13
N SER B 195 -12.60 21.43 -11.36
CA SER B 195 -13.64 20.47 -11.80
C SER B 195 -13.45 19.03 -11.32
N ASP B 196 -12.35 18.74 -10.63
CA ASP B 196 -11.97 17.34 -10.31
C ASP B 196 -12.59 17.02 -8.96
N ASN B 197 -13.89 16.73 -8.96
CA ASN B 197 -14.62 16.50 -7.71
C ASN B 197 -15.16 15.07 -7.65
N GLY B 198 -15.94 14.76 -6.62
CA GLY B 198 -16.55 13.45 -6.51
C GLY B 198 -17.02 13.17 -5.12
N PHE B 199 -18.00 12.26 -5.01
CA PHE B 199 -18.57 11.93 -3.72
C PHE B 199 -18.57 10.41 -3.55
N GLY B 200 -18.67 9.97 -2.29
CA GLY B 200 -18.91 8.53 -2.04
C GLY B 200 -17.79 7.68 -2.61
N LEU B 201 -18.13 6.66 -3.37
CA LEU B 201 -17.15 5.77 -3.97
C LEU B 201 -16.42 6.44 -5.15
N LEU B 202 -16.88 7.62 -5.55
CA LEU B 202 -16.20 8.43 -6.56
C LEU B 202 -15.34 9.57 -5.96
N SER B 203 -15.22 9.61 -4.64
CA SER B 203 -14.37 10.63 -4.03
C SER B 203 -12.93 10.44 -4.46
N ARG B 204 -12.21 11.55 -4.60
CA ARG B 204 -10.84 11.49 -5.13
C ARG B 204 -9.80 11.07 -4.07
N ARG B 205 -10.09 11.34 -2.80
CA ARG B 205 -9.23 10.85 -1.71
C ARG B 205 -7.75 11.27 -1.87
N GLY B 206 -7.54 12.51 -2.30
CA GLY B 206 -6.18 13.03 -2.40
C GLY B 206 -5.57 13.02 -3.79
N LEU B 207 -6.10 12.22 -4.70
CA LEU B 207 -5.66 12.30 -6.11
C LEU B 207 -5.99 13.67 -6.73
N ILE B 208 -5.04 14.23 -7.46
CA ILE B 208 -5.20 15.57 -8.01
C ILE B 208 -4.96 15.55 -9.52
N HIS B 209 -5.93 16.07 -10.28
CA HIS B 209 -5.73 16.32 -11.71
C HIS B 209 -5.49 17.81 -11.92
N THR B 210 -4.26 18.16 -12.29
CA THR B 210 -3.86 19.53 -12.52
C THR B 210 -2.68 19.58 -13.49
N GLN B 211 -2.54 20.69 -14.20
CA GLN B 211 -1.23 21.06 -14.76
C GLN B 211 -1.01 22.54 -14.39
N LYS B 212 -1.06 22.77 -13.08
CA LYS B 212 -0.58 24.00 -12.45
C LYS B 212 0.75 23.64 -11.82
N GLU B 213 1.70 24.56 -11.89
CA GLU B 213 2.99 24.41 -11.21
C GLU B 213 3.12 25.56 -10.25
N GLY B 214 3.89 25.37 -9.17
CA GLY B 214 3.98 26.35 -8.09
C GLY B 214 2.80 26.26 -7.10
N LEU B 215 2.22 27.41 -6.78
CA LEU B 215 1.09 27.49 -5.85
C LEU B 215 -0.13 26.85 -6.48
N ILE B 216 -0.84 26.06 -5.67
CA ILE B 216 -2.12 25.47 -6.05
C ILE B 216 -3.03 25.66 -4.82
N TYR B 217 -4.25 26.11 -5.07
CA TYR B 217 -5.28 26.13 -4.02
C TYR B 217 -6.67 25.95 -4.62
N LYS B 218 -7.60 25.49 -3.76
CA LYS B 218 -8.97 25.21 -4.13
C LYS B 218 -9.76 25.19 -2.84
N VAL B 219 -10.98 25.73 -2.88
CA VAL B 219 -11.95 25.64 -1.78
C VAL B 219 -13.26 25.21 -2.44
N PHE B 220 -14.01 24.31 -1.83
CA PHE B 220 -15.18 23.75 -2.52
C PHE B 220 -16.27 23.38 -1.51
N ALA B 221 -17.50 23.30 -1.99
CA ALA B 221 -18.60 22.78 -1.19
C ALA B 221 -19.54 22.03 -2.14
N GLY B 222 -20.03 20.86 -1.75
CA GLY B 222 -20.87 20.09 -2.67
C GLY B 222 -21.84 19.20 -1.91
N VAL B 223 -22.86 18.71 -2.61
CA VAL B 223 -23.79 17.74 -2.02
C VAL B 223 -24.17 16.82 -3.18
N GLU B 224 -24.32 15.53 -2.88
CA GLU B 224 -24.83 14.57 -3.84
C GLU B 224 -25.88 13.75 -3.11
N ARG B 225 -26.97 13.54 -3.80
CA ARG B 225 -28.04 12.64 -3.32
C ARG B 225 -27.95 11.34 -4.10
N ARG B 226 -27.83 10.24 -3.40
CA ARG B 226 -27.78 8.97 -4.10
C ARG B 226 -28.92 8.06 -3.74
N GLU B 227 -29.36 7.30 -4.75
CA GLU B 227 -30.45 6.36 -4.59
C GLU B 227 -29.83 4.99 -4.55
N VAL B 228 -29.95 4.32 -3.40
CA VAL B 228 -29.17 3.15 -3.08
C VAL B 228 -29.98 1.86 -3.22
N ASP B 229 -29.45 0.94 -4.04
CA ASP B 229 -30.03 -0.38 -4.20
C ASP B 229 -29.30 -1.47 -3.44
N LYS B 230 -28.01 -1.30 -3.25
CA LYS B 230 -27.23 -2.30 -2.53
C LYS B 230 -26.14 -1.61 -1.71
N ASN B 231 -25.97 -2.08 -0.48
CA ASN B 231 -24.84 -1.70 0.36
C ASN B 231 -24.55 -2.88 1.29
N TYR B 232 -23.60 -3.72 0.88
CA TYR B 232 -23.30 -4.97 1.60
C TYR B 232 -22.80 -4.78 3.06
N THR B 233 -22.24 -3.63 3.39
CA THR B 233 -21.83 -3.36 4.79
C THR B 233 -23.07 -3.28 5.71
N LEU B 234 -24.22 -2.94 5.14
CA LEU B 234 -25.49 -2.87 5.88
C LEU B 234 -26.35 -4.11 5.69
N GLN B 235 -26.28 -4.70 4.50
CA GLN B 235 -27.17 -5.80 4.11
C GLN B 235 -26.60 -7.22 4.28
N GLY B 236 -25.30 -7.33 4.54
CA GLY B 236 -24.67 -8.61 4.82
C GLY B 236 -25.11 -9.22 6.15
N LYS B 237 -24.89 -10.53 6.25
CA LYS B 237 -25.08 -11.29 7.49
C LYS B 237 -23.84 -11.26 8.36
N THR B 238 -24.06 -11.06 9.65
CA THR B 238 -23.01 -11.13 10.64
C THR B 238 -22.57 -12.59 10.85
N LEU B 239 -21.34 -12.76 11.32
CA LEU B 239 -20.69 -14.07 11.46
C LEU B 239 -21.33 -15.01 12.47
N GLN B 240 -21.67 -14.46 13.64
CA GLN B 240 -22.16 -15.25 14.78
C GLN B 240 -23.67 -15.17 14.99
N THR B 241 -24.23 -13.95 14.97
CA THR B 241 -25.66 -13.77 15.15
C THR B 241 -26.43 -14.05 13.87
N LYS B 242 -25.69 -14.15 12.75
CA LYS B 242 -26.21 -14.57 11.44
C LYS B 242 -27.45 -13.80 10.98
N MET B 243 -27.41 -12.48 11.17
CA MET B 243 -28.54 -11.64 10.85
C MET B 243 -28.11 -10.40 10.06
N GLU B 244 -29.07 -9.82 9.35
CA GLU B 244 -28.94 -8.44 8.87
C GLU B 244 -29.44 -7.56 10.00
N THR B 245 -28.62 -6.57 10.38
CA THR B 245 -28.90 -5.80 11.60
C THR B 245 -29.79 -4.58 11.33
N VAL B 246 -29.94 -4.16 10.07
CA VAL B 246 -30.61 -2.90 9.76
C VAL B 246 -31.47 -3.02 8.50
N ASP B 247 -32.31 -2.02 8.28
CA ASP B 247 -33.07 -1.82 7.06
C ASP B 247 -32.53 -0.56 6.35
N ILE B 248 -31.95 -0.73 5.16
CA ILE B 248 -31.31 0.41 4.47
C ILE B 248 -32.30 1.53 4.13
N ASN B 249 -31.79 2.76 4.19
CA ASN B 249 -32.47 3.89 3.62
C ASN B 249 -32.07 3.95 2.16
N LYS B 250 -33.04 4.05 1.27
CA LYS B 250 -32.68 4.11 -0.13
C LYS B 250 -32.22 5.50 -0.59
N THR B 251 -32.46 6.57 0.18
CA THR B 251 -32.00 7.92 -0.24
C THR B 251 -31.01 8.41 0.79
N VAL B 252 -29.81 8.75 0.30
CA VAL B 252 -28.68 9.13 1.15
C VAL B 252 -28.07 10.35 0.48
N ASP B 253 -27.87 11.43 1.27
CA ASP B 253 -27.19 12.63 0.81
C ASP B 253 -25.79 12.65 1.39
N GLU B 254 -24.81 13.09 0.60
CA GLU B 254 -23.47 13.30 1.13
C GLU B 254 -23.02 14.74 0.91
N TYR B 255 -22.56 15.36 1.99
CA TYR B 255 -22.02 16.72 1.95
C TYR B 255 -20.50 16.71 2.08
N ARG B 256 -19.83 17.54 1.28
CA ARG B 256 -18.39 17.73 1.40
C ARG B 256 -18.05 19.21 1.29
N VAL B 257 -17.29 19.70 2.26
CA VAL B 257 -16.78 21.05 2.25
C VAL B 257 -15.30 20.94 2.57
N GLY B 258 -14.45 21.55 1.75
CA GLY B 258 -13.03 21.35 1.98
C GLY B 258 -12.13 22.30 1.24
N ALA B 259 -10.83 22.04 1.33
CA ALA B 259 -9.84 22.90 0.68
C ALA B 259 -8.52 22.16 0.46
N THR B 260 -7.75 22.69 -0.51
CA THR B 260 -6.40 22.20 -0.82
C THR B 260 -5.50 23.41 -0.93
N ILE B 261 -4.35 23.34 -0.27
CA ILE B 261 -3.30 24.36 -0.41
C ILE B 261 -1.98 23.61 -0.66
N GLY B 262 -1.25 24.04 -1.68
CA GLY B 262 0.00 23.37 -1.99
C GLY B 262 1.00 24.26 -2.71
N TYR B 263 2.23 23.80 -2.79
CA TYR B 263 3.25 24.42 -3.63
C TYR B 263 4.12 23.28 -4.13
N SER B 264 4.24 23.15 -5.45
CA SER B 264 5.01 22.06 -6.09
C SER B 264 6.24 21.70 -5.30
N PRO B 265 6.41 20.39 -4.97
CA PRO B 265 5.64 19.22 -5.38
C PRO B 265 4.66 18.68 -4.32
N VAL B 266 4.27 19.48 -3.33
CA VAL B 266 3.42 18.96 -2.23
C VAL B 266 2.14 19.79 -1.97
N ALA B 267 1.01 19.09 -1.81
CA ALA B 267 -0.24 19.76 -1.44
C ALA B 267 -0.92 19.03 -0.29
N PHE B 268 -1.58 19.80 0.58
CA PHE B 268 -2.35 19.27 1.70
C PHE B 268 -3.81 19.62 1.52
N SER B 269 -4.67 18.62 1.75
CA SER B 269 -6.10 18.78 1.64
C SER B 269 -6.83 18.35 2.89
N LEU B 270 -7.98 18.99 3.13
CA LEU B 270 -8.90 18.60 4.19
C LEU B 270 -10.31 18.61 3.60
N SER B 271 -11.11 17.61 3.95
CA SER B 271 -12.52 17.61 3.57
C SER B 271 -13.35 17.30 4.82
N LEU B 272 -14.29 18.19 5.12
CA LEU B 272 -15.27 17.99 6.19
C LEU B 272 -16.56 17.44 5.63
N ASN B 273 -16.90 16.21 6.06
CA ASN B 273 -17.92 15.43 5.35
C ASN B 273 -19.10 15.00 6.25
N LYS B 274 -20.29 14.90 5.66
CA LYS B 274 -21.45 14.31 6.37
C LYS B 274 -22.23 13.40 5.42
N VAL B 275 -22.62 12.22 5.90
CA VAL B 275 -23.48 11.31 5.17
C VAL B 275 -24.78 11.23 5.99
N THR B 276 -25.93 11.43 5.33
CA THR B 276 -27.19 11.30 6.06
C THR B 276 -27.49 9.83 6.37
N SER B 277 -28.39 9.60 7.32
CA SER B 277 -28.67 8.23 7.83
C SER B 277 -28.75 7.18 6.73
N GLU B 278 -27.91 6.15 6.83
CA GLU B 278 -27.90 5.11 5.81
C GLU B 278 -28.91 3.98 6.11
N PHE B 279 -29.53 4.01 7.30
CA PHE B 279 -30.57 3.02 7.64
C PHE B 279 -31.66 3.60 8.56
N ARG B 280 -32.81 2.93 8.59
CA ARG B 280 -34.01 3.47 9.26
C ARG B 280 -33.72 3.90 10.69
N THR B 281 -33.05 3.05 11.43
CA THR B 281 -32.74 3.29 12.85
C THR B 281 -31.42 4.00 13.08
N GLY B 282 -30.81 4.46 12.00
CA GLY B 282 -29.54 5.17 12.10
C GLY B 282 -29.75 6.65 12.18
N ASP B 283 -28.66 7.41 11.97
CA ASP B 283 -28.70 8.86 11.92
C ASP B 283 -27.54 9.35 11.07
N ASP B 284 -27.53 10.64 10.78
CA ASP B 284 -26.44 11.25 10.00
C ASP B 284 -25.13 11.16 10.76
N TYR B 285 -24.02 11.11 10.02
CA TYR B 285 -22.70 11.01 10.66
C TYR B 285 -21.68 11.91 9.95
N SER B 286 -20.78 12.51 10.71
CA SER B 286 -19.77 13.41 10.12
C SER B 286 -18.39 12.79 10.32
N TYR B 287 -17.49 13.11 9.41
CA TYR B 287 -16.12 12.60 9.48
C TYR B 287 -15.22 13.51 8.64
N ILE B 288 -13.91 13.41 8.81
CA ILE B 288 -13.03 14.12 7.89
C ILE B 288 -12.12 13.19 7.11
N ASN B 289 -11.64 13.67 5.96
CA ASN B 289 -10.39 13.10 5.45
C ASN B 289 -9.31 14.18 5.29
N GLY B 290 -8.07 13.79 5.55
CA GLY B 290 -6.91 14.66 5.36
C GLY B 290 -5.99 13.95 4.37
N ASP B 291 -5.49 14.69 3.38
CA ASP B 291 -4.72 14.09 2.30
C ASP B 291 -3.34 14.77 2.19
N ILE B 292 -2.32 13.99 1.88
CA ILE B 292 -1.03 14.56 1.46
C ILE B 292 -0.81 14.10 0.04
N THR B 293 -0.57 15.05 -0.86
CA THR B 293 -0.50 14.72 -2.27
C THR B 293 0.80 15.25 -2.84
N PHE B 294 1.59 14.36 -3.43
CA PHE B 294 2.76 14.81 -4.20
C PHE B 294 2.34 14.92 -5.64
N PHE B 295 2.52 16.11 -6.20
CA PHE B 295 2.08 16.38 -7.57
C PHE B 295 3.25 16.96 -8.34
N PHE B 296 3.49 16.43 -9.53
CA PHE B 296 4.74 16.69 -10.23
C PHE B 296 4.57 16.38 -11.71
ZN ZN C . 8.68 8.61 -15.69
ZN ZN D . 6.97 9.57 -12.82
ZN ZN E . 12.00 -0.41 3.04
ZN ZN F . 15.19 -31.50 1.31
ZN ZN G . 6.37 -18.58 3.76
C1 GOL H . 16.63 -10.89 8.04
O1 GOL H . 17.39 -11.96 8.50
C2 GOL H . 16.99 -10.45 6.63
O2 GOL H . 18.33 -10.72 6.25
C3 GOL H . 16.62 -8.97 6.56
O3 GOL H . 17.52 -8.21 5.80
C1 GOL I . 5.04 -21.16 2.87
O1 GOL I . 6.03 -21.03 3.85
C2 GOL I . 4.17 -19.91 2.81
O2 GOL I . 4.94 -18.74 2.61
C3 GOL I . 3.17 -20.02 1.68
O3 GOL I . 1.90 -19.91 2.27
C1 CXE J . 17.32 -16.74 -14.91
C2 CXE J . 15.89 -17.09 -14.59
C3 CXE J . 15.60 -18.50 -15.10
C4 CXE J . 14.25 -18.98 -14.63
C5 CXE J . 13.92 -20.33 -15.23
C6 CXE J . 12.61 -20.86 -14.67
C7 CXE J . 12.00 -21.95 -15.54
C8 CXE J . 10.52 -22.10 -15.22
C9 CXE J . 10.03 -23.52 -15.43
C10 CXE J . 8.54 -23.60 -15.14
O11 CXE J . 8.03 -24.73 -15.84
C12 CXE J . 6.62 -24.88 -15.71
C13 CXE J . 6.26 -26.28 -16.19
C1 CXE K . 24.56 -13.15 -17.85
C2 CXE K . 23.73 -13.57 -16.65
C3 CXE K . 23.75 -15.08 -16.42
C4 CXE K . 22.64 -15.79 -17.21
C5 CXE K . 22.53 -17.28 -16.93
C6 CXE K . 21.06 -17.71 -16.89
C7 CXE K . 20.79 -19.12 -17.42
C8 CXE K . 19.30 -19.44 -17.27
C9 CXE K . 18.97 -20.89 -17.60
C10 CXE K . 17.46 -21.12 -17.50
O11 CXE K . 17.11 -22.39 -18.03
C12 CXE K . 15.75 -22.75 -17.73
C13 CXE K . 15.56 -24.27 -17.83
O14 CXE K . 14.22 -24.62 -17.46
C15 CXE K . 14.13 -25.83 -16.72
C16 CXE K . 14.49 -25.58 -15.26
O17 CXE K . 14.16 -26.72 -14.45
C18 CXE K . 15.31 -27.32 -13.86
C19 CXE K . 14.95 -28.71 -13.35
O20 CXE K . 13.59 -29.00 -13.67
C1 CXE L . 31.71 -12.63 -9.95
C2 CXE L . 30.52 -12.46 -10.87
C3 CXE L . 29.22 -12.74 -10.13
C4 CXE L . 28.51 -14.00 -10.60
C5 CXE L . 28.11 -14.86 -9.40
C6 CXE L . 26.66 -15.32 -9.48
C7 CXE L . 26.50 -16.66 -8.79
C8 CXE L . 25.06 -17.14 -8.83
C9 CXE L . 25.03 -18.65 -8.99
C10 CXE L . 24.38 -19.35 -7.81
O11 CXE L . 24.98 -20.64 -7.66
C12 CXE L . 24.53 -21.41 -6.54
C13 CXE L . 25.17 -20.98 -5.23
O14 CXE L . 26.52 -21.45 -5.17
C15 CXE L . 27.10 -21.29 -3.86
C1 CXE M . 34.15 10.60 -8.11
C2 CXE M . 34.46 9.60 -7.02
C3 CXE M . 34.63 8.19 -7.57
C4 CXE M . 34.03 7.12 -6.65
C5 CXE M . 34.63 5.74 -6.91
C6 CXE M . 33.73 4.66 -6.32
C7 CXE M . 34.06 3.25 -6.82
C8 CXE M . 33.41 2.20 -5.90
C9 CXE M . 33.26 0.82 -6.53
C10 CXE M . 33.67 -0.27 -5.55
O11 CXE M . 33.40 -1.55 -6.10
C12 CXE M . 34.38 -2.55 -5.75
C13 CXE M . 33.77 -3.73 -4.98
O14 CXE M . 34.33 -4.98 -5.39
C15 CXE M . 33.69 -6.11 -4.81
C16 CXE M . 33.70 -7.32 -5.75
O17 CXE M . 33.84 -8.53 -4.98
C18 CXE M . 33.00 -9.62 -5.38
C19 CXE M . 33.18 -10.81 -4.43
O20 CXE M . 31.95 -11.15 -3.77
C21 CXE M . 32.09 -12.14 -2.75
C22 CXE M . 31.28 -13.37 -3.19
O23 CXE M . 31.24 -14.37 -2.19
C24 CXE M . 31.09 -15.68 -2.75
C25 CXE M . 32.20 -16.56 -2.22
O26 CXE M . 32.19 -17.80 -2.92
ZN ZN N . 2.61 13.28 -14.48
ZN ZN O . 3.08 9.93 -13.98
ZN ZN P . -11.43 1.41 -4.37
ZN ZN Q . -13.04 5.77 14.08
C1 GOL R . -20.93 2.61 3.70
O1 GOL R . -22.23 2.52 4.19
C2 GOL R . -21.03 3.29 2.36
O2 GOL R . -21.59 4.58 2.53
C3 GOL R . -19.63 3.40 1.79
O3 GOL R . -19.70 3.64 0.41
C1 GOL S . -12.30 6.92 16.85
O1 GOL S . -13.56 6.54 16.37
C2 GOL S . -11.28 6.06 16.13
O2 GOL S . -11.33 6.33 14.73
C3 GOL S . -9.89 6.27 16.72
O3 GOL S . -9.36 7.47 16.22
C1 CXE T . -13.29 25.05 3.79
C2 CXE T . -12.65 24.25 4.93
C3 CXE T . -12.43 25.10 6.17
C4 CXE T . -11.61 24.35 7.22
C5 CXE T . -11.32 25.24 8.42
C6 CXE T . -10.48 24.53 9.47
C7 CXE T . -10.09 25.47 10.61
C8 CXE T . -9.08 24.80 11.56
C9 CXE T . -8.93 25.59 12.85
C10 CXE T . -7.99 24.90 13.82
O11 CXE T . -8.02 25.69 15.02
C12 CXE T . -6.87 25.53 15.87
C13 CXE T . -7.05 26.51 17.04
C1 CXE U . -17.27 28.24 -3.24
C2 CXE U . -16.41 27.85 -2.06
C3 CXE U . -17.21 27.51 -0.79
C4 CXE U . -17.05 28.57 0.29
C5 CXE U . -16.58 27.98 1.62
C6 CXE U . -15.63 28.93 2.34
C7 CXE U . -15.92 28.96 3.83
C8 CXE U . -14.74 28.51 4.65
C9 CXE U . -14.68 29.32 5.92
C10 CXE U . -13.90 28.60 7.01
O11 CXE U . -13.85 29.46 8.14
C12 CXE U . -12.72 29.17 8.97
C13 CXE U . -13.06 29.53 10.41
O14 CXE U . -12.06 28.98 11.26
C15 CXE U . -12.57 28.45 12.49
C16 CXE U . -13.76 27.52 12.23
O17 CXE U . -14.29 27.03 13.46
C18 CXE U . -15.61 27.51 13.75
C19 CXE U . -15.92 27.13 15.20
O20 CXE U . -14.66 26.94 15.84
C21 CXE U . -14.23 27.84 17.90
C22 CXE U . -13.01 28.71 18.32
O23 CXE U . -12.91 29.24 19.66
C24 CXE U . -12.85 30.66 19.76
C25 CXE U . -14.07 31.16 20.49
O26 CXE U . -14.85 30.01 20.71
C1 CXE V . -25.82 23.51 -5.50
C2 CXE V . -24.40 23.90 -5.09
C3 CXE V . -23.91 22.98 -4.02
C4 CXE V . -23.85 23.64 -2.65
C5 CXE V . -23.90 22.59 -1.55
C6 CXE V . -23.05 22.96 -0.33
C7 CXE V . -23.60 22.30 0.92
C8 CXE V . -22.64 22.35 2.10
C9 CXE V . -23.25 23.09 3.27
C10 CXE V . -23.27 22.27 4.56
O11 CXE V . -24.56 22.42 5.18
C12 CXE V . -24.72 21.65 6.37
C13 CXE V . -25.48 20.37 6.08
O14 CXE V . -26.79 20.68 5.63
C15 CXE V . -27.80 19.98 6.36
C1 CXE W . -21.28 14.50 -25.77
C2 CXE W . -22.24 13.76 -24.85
C3 CXE W . -23.11 14.73 -24.06
C4 CXE W . -23.42 14.23 -22.65
C5 CXE W . -23.84 15.38 -21.73
C6 CXE W . -24.39 14.87 -20.39
C7 CXE W . -23.70 15.52 -19.19
C8 CXE W . -24.67 16.00 -18.11
C9 CXE W . -24.31 15.48 -16.72
C10 CXE W . -24.60 16.52 -15.65
O11 CXE W . -25.95 16.40 -15.21
C12 CXE W . -26.24 17.25 -14.09
C13 CXE W . -27.11 16.53 -13.08
O14 CXE W . -27.87 17.46 -12.29
C15 CXE W . -27.63 17.35 -10.89
C16 CXE W . -28.04 18.64 -10.19
O17 CXE W . -28.33 18.35 -8.82
C18 CXE W . -28.03 19.45 -7.95
C19 CXE W . -28.83 19.32 -6.65
O20 CXE W . -28.25 18.33 -5.81
C21 CXE W . -29.24 17.44 -5.30
C22 CXE W . -28.77 16.91 -3.96
O23 CXE W . -29.80 17.10 -2.99
C24 CXE W . -29.36 17.95 -1.94
C25 CXE W . -30.23 17.77 -0.72
O26 CXE W . -30.96 18.96 -0.49
#